data_2EFV
# 
_entry.id   2EFV 
# 
_audit_conform.dict_name       mmcif_pdbx.dic 
_audit_conform.dict_version    5.388 
_audit_conform.dict_location   http://mmcif.pdb.org/dictionaries/ascii/mmcif_pdbx.dic 
# 
loop_
_database_2.database_id 
_database_2.database_code 
_database_2.pdbx_database_accession 
_database_2.pdbx_DOI 
PDB   2EFV         pdb_00002efv 10.2210/pdb2efv/pdb 
RCSB  RCSB026613   ?            ?                   
WWPDB D_1000026613 ?            ?                   
# 
loop_
_pdbx_audit_revision_history.ordinal 
_pdbx_audit_revision_history.data_content_type 
_pdbx_audit_revision_history.major_revision 
_pdbx_audit_revision_history.minor_revision 
_pdbx_audit_revision_history.revision_date 
1 'Structure model' 1 0 2007-08-28 
2 'Structure model' 1 1 2011-07-13 
3 'Structure model' 1 2 2019-01-16 
4 'Structure model' 1 3 2024-03-13 
# 
_pdbx_audit_revision_details.ordinal             1 
_pdbx_audit_revision_details.revision_ordinal    1 
_pdbx_audit_revision_details.data_content_type   'Structure model' 
_pdbx_audit_revision_details.provider            repository 
_pdbx_audit_revision_details.type                'Initial release' 
_pdbx_audit_revision_details.description         ? 
_pdbx_audit_revision_details.details             ? 
# 
loop_
_pdbx_audit_revision_group.ordinal 
_pdbx_audit_revision_group.revision_ordinal 
_pdbx_audit_revision_group.data_content_type 
_pdbx_audit_revision_group.group 
1 2 'Structure model' 'Version format compliance' 
2 3 'Structure model' 'Data collection'           
3 3 'Structure model' 'Database references'       
4 4 'Structure model' 'Data collection'           
5 4 'Structure model' 'Database references'       
6 4 'Structure model' 'Derived calculations'      
# 
loop_
_pdbx_audit_revision_category.ordinal 
_pdbx_audit_revision_category.revision_ordinal 
_pdbx_audit_revision_category.data_content_type 
_pdbx_audit_revision_category.category 
1 3 'Structure model' citation        
2 3 'Structure model' citation_author 
3 4 'Structure model' chem_comp_atom  
4 4 'Structure model' chem_comp_bond  
5 4 'Structure model' database_2      
6 4 'Structure model' struct_site     
# 
loop_
_pdbx_audit_revision_item.ordinal 
_pdbx_audit_revision_item.revision_ordinal 
_pdbx_audit_revision_item.data_content_type 
_pdbx_audit_revision_item.item 
1  3 'Structure model' '_citation.country'                   
2  3 'Structure model' '_citation.journal_abbrev'            
3  3 'Structure model' '_citation.journal_id_ASTM'           
4  3 'Structure model' '_citation.journal_id_CSD'            
5  3 'Structure model' '_citation.journal_id_ISSN'           
6  3 'Structure model' '_citation.journal_volume'            
7  3 'Structure model' '_citation.page_first'                
8  3 'Structure model' '_citation.page_last'                 
9  3 'Structure model' '_citation.pdbx_database_id_DOI'      
10 3 'Structure model' '_citation.pdbx_database_id_PubMed'   
11 3 'Structure model' '_citation.title'                     
12 3 'Structure model' '_citation.year'                      
13 4 'Structure model' '_database_2.pdbx_DOI'                
14 4 'Structure model' '_database_2.pdbx_database_accession' 
15 4 'Structure model' '_struct_site.pdbx_auth_asym_id'      
16 4 'Structure model' '_struct_site.pdbx_auth_comp_id'      
17 4 'Structure model' '_struct_site.pdbx_auth_seq_id'       
# 
_pdbx_database_status.status_code                     REL 
_pdbx_database_status.entry_id                        2EFV 
_pdbx_database_status.recvd_initial_deposition_date   2007-02-26 
_pdbx_database_status.deposit_site                    PDBJ 
_pdbx_database_status.process_site                    PDBJ 
_pdbx_database_status.status_code_sf                  REL 
_pdbx_database_status.status_code_mr                  ? 
_pdbx_database_status.SG_entry                        Y 
_pdbx_database_status.pdb_format_compatible           Y 
_pdbx_database_status.status_code_cs                  ? 
_pdbx_database_status.methods_development_category    ? 
_pdbx_database_status.status_code_nmr_data            ? 
# 
_pdbx_database_related.db_name        TargetDB 
_pdbx_database_related.db_id          mja001000366.1 
_pdbx_database_related.details        . 
_pdbx_database_related.content_type   unspecified 
# 
loop_
_audit_author.name 
_audit_author.pdbx_ordinal 
'Kumarevel, T.S.'                                        1 
'Karthe, P.'                                             2 
'Kuramitsu, S.'                                          3 
'Yokoyama, S.'                                           4 
'RIKEN Structural Genomics/Proteomics Initiative (RSGI)' 5 
# 
_citation.id                        primary 
_citation.title                     
;Crystal structure analysis of a hypothetical protein (MJ0366) from Methanocaldococcus jannaschii revealed a novel topological arrangement of the knot fold
;
_citation.journal_abbrev            'Biochem. Biophys. Res. Commun.' 
_citation.journal_volume            482 
_citation.page_first                264 
_citation.page_last                 269 
_citation.year                      2017 
_citation.journal_id_ASTM           BBRCA9 
_citation.country                   US 
_citation.journal_id_ISSN           1090-2104 
_citation.journal_id_CSD            0146 
_citation.book_publisher            ? 
_citation.pdbx_database_id_PubMed   27845039 
_citation.pdbx_database_id_DOI      10.1016/j.bbrc.2016.11.052 
# 
loop_
_citation_author.citation_id 
_citation_author.name 
_citation_author.ordinal 
_citation_author.identifier_ORCID 
primary 'Thiruselvam, V.'  1 ? 
primary 'Kumarevel, T.'    2 ? 
primary 'Karthe, P.'       3 ? 
primary 'Kuramitsu, S.'    4 ? 
primary 'Yokoyama, S.'     5 ? 
primary 'Ponnuswamy, M.N.' 6 ? 
# 
loop_
_entity.id 
_entity.type 
_entity.src_method 
_entity.pdbx_description 
_entity.formula_weight 
_entity.pdbx_number_of_molecules 
_entity.pdbx_ec 
_entity.pdbx_mutation 
_entity.pdbx_fragment 
_entity.details 
1 polymer     man 'Hypothetical protein MJ0366' 10873.717 1  ? ? ? ? 
2 non-polymer syn 'PHOSPHATE ION'               94.971    1  ? ? ? ? 
3 water       nat water                         18.015    68 ? ? ? ? 
# 
_entity_poly.entity_id                      1 
_entity_poly.type                           'polypeptide(L)' 
_entity_poly.nstd_linkage                   no 
_entity_poly.nstd_monomer                   no 
_entity_poly.pdbx_seq_one_letter_code       
;MPLVGFMKEKKRATFYLYKNIDGRKLRYLLHKLENVENVDIDTLRRAIEAEKKYKRSITLTEEEEVIIQRLGKSANLLLN
CELVKLDEGERA
;
_entity_poly.pdbx_seq_one_letter_code_can   
;MPLVGFMKEKKRATFYLYKNIDGRKLRYLLHKLENVENVDIDTLRRAIEAEKKYKRSITLTEEEEVIIQRLGKSANLLLN
CELVKLDEGERA
;
_entity_poly.pdbx_strand_id                 A 
_entity_poly.pdbx_target_identifier         mja001000366.1 
# 
loop_
_pdbx_entity_nonpoly.entity_id 
_pdbx_entity_nonpoly.name 
_pdbx_entity_nonpoly.comp_id 
2 'PHOSPHATE ION' PO4 
3 water           HOH 
# 
loop_
_entity_poly_seq.entity_id 
_entity_poly_seq.num 
_entity_poly_seq.mon_id 
_entity_poly_seq.hetero 
1 1  MET n 
1 2  PRO n 
1 3  LEU n 
1 4  VAL n 
1 5  GLY n 
1 6  PHE n 
1 7  MET n 
1 8  LYS n 
1 9  GLU n 
1 10 LYS n 
1 11 LYS n 
1 12 ARG n 
1 13 ALA n 
1 14 THR n 
1 15 PHE n 
1 16 TYR n 
1 17 LEU n 
1 18 TYR n 
1 19 LYS n 
1 20 ASN n 
1 21 ILE n 
1 22 ASP n 
1 23 GLY n 
1 24 ARG n 
1 25 LYS n 
1 26 LEU n 
1 27 ARG n 
1 28 TYR n 
1 29 LEU n 
1 30 LEU n 
1 31 HIS n 
1 32 LYS n 
1 33 LEU n 
1 34 GLU n 
1 35 ASN n 
1 36 VAL n 
1 37 GLU n 
1 38 ASN n 
1 39 VAL n 
1 40 ASP n 
1 41 ILE n 
1 42 ASP n 
1 43 THR n 
1 44 LEU n 
1 45 ARG n 
1 46 ARG n 
1 47 ALA n 
1 48 ILE n 
1 49 GLU n 
1 50 ALA n 
1 51 GLU n 
1 52 LYS n 
1 53 LYS n 
1 54 TYR n 
1 55 LYS n 
1 56 ARG n 
1 57 SER n 
1 58 ILE n 
1 59 THR n 
1 60 LEU n 
1 61 THR n 
1 62 GLU n 
1 63 GLU n 
1 64 GLU n 
1 65 GLU n 
1 66 VAL n 
1 67 ILE n 
1 68 ILE n 
1 69 GLN n 
1 70 ARG n 
1 71 LEU n 
1 72 GLY n 
1 73 LYS n 
1 74 SER n 
1 75 ALA n 
1 76 ASN n 
1 77 LEU n 
1 78 LEU n 
1 79 LEU n 
1 80 ASN n 
1 81 CYS n 
1 82 GLU n 
1 83 LEU n 
1 84 VAL n 
1 85 LYS n 
1 86 LEU n 
1 87 ASP n 
1 88 GLU n 
1 89 GLY n 
1 90 GLU n 
1 91 ARG n 
1 92 ALA n 
# 
_entity_src_gen.entity_id                          1 
_entity_src_gen.pdbx_src_id                        1 
_entity_src_gen.pdbx_alt_source_flag               sample 
_entity_src_gen.pdbx_seq_type                      ? 
_entity_src_gen.pdbx_beg_seq_num                   ? 
_entity_src_gen.pdbx_end_seq_num                   ? 
_entity_src_gen.gene_src_common_name               ? 
_entity_src_gen.gene_src_genus                     Methanocaldococcus 
_entity_src_gen.pdbx_gene_src_gene                 mj0366 
_entity_src_gen.gene_src_species                   'Methanocaldococcus jannaschii' 
_entity_src_gen.gene_src_strain                    DSM2661 
_entity_src_gen.gene_src_tissue                    ? 
_entity_src_gen.gene_src_tissue_fraction           ? 
_entity_src_gen.gene_src_details                   ? 
_entity_src_gen.pdbx_gene_src_fragment             ? 
_entity_src_gen.pdbx_gene_src_scientific_name      'Methanocaldococcus jannaschii DSM 2661' 
_entity_src_gen.pdbx_gene_src_ncbi_taxonomy_id     243232 
_entity_src_gen.pdbx_gene_src_variant              ? 
_entity_src_gen.pdbx_gene_src_cell_line            ? 
_entity_src_gen.pdbx_gene_src_atcc                 ? 
_entity_src_gen.pdbx_gene_src_organ                ? 
_entity_src_gen.pdbx_gene_src_organelle            ? 
_entity_src_gen.pdbx_gene_src_cell                 ? 
_entity_src_gen.pdbx_gene_src_cellular_location    ? 
_entity_src_gen.host_org_common_name               ? 
_entity_src_gen.pdbx_host_org_scientific_name      'Escherichia coli' 
_entity_src_gen.pdbx_host_org_ncbi_taxonomy_id     562 
_entity_src_gen.host_org_genus                     Escherichia 
_entity_src_gen.pdbx_host_org_gene                 ? 
_entity_src_gen.pdbx_host_org_organ                ? 
_entity_src_gen.host_org_species                   ? 
_entity_src_gen.pdbx_host_org_tissue               ? 
_entity_src_gen.pdbx_host_org_tissue_fraction      ? 
_entity_src_gen.pdbx_host_org_strain               'BL21(DE3)codonplus-RIL-X' 
_entity_src_gen.pdbx_host_org_variant              ? 
_entity_src_gen.pdbx_host_org_cell_line            ? 
_entity_src_gen.pdbx_host_org_atcc                 ? 
_entity_src_gen.pdbx_host_org_culture_collection   ? 
_entity_src_gen.pdbx_host_org_cell                 ? 
_entity_src_gen.pdbx_host_org_organelle            ? 
_entity_src_gen.pdbx_host_org_cellular_location    ? 
_entity_src_gen.pdbx_host_org_vector_type          plasmid 
_entity_src_gen.pdbx_host_org_vector               ? 
_entity_src_gen.host_org_details                   ? 
_entity_src_gen.expression_system_id               ? 
_entity_src_gen.plasmid_name                       pET-21A 
_entity_src_gen.plasmid_details                    ? 
_entity_src_gen.pdbx_description                   ? 
# 
loop_
_chem_comp.id 
_chem_comp.type 
_chem_comp.mon_nstd_flag 
_chem_comp.name 
_chem_comp.pdbx_synonyms 
_chem_comp.formula 
_chem_comp.formula_weight 
ALA 'L-peptide linking' y ALANINE         ? 'C3 H7 N O2'     89.093  
ARG 'L-peptide linking' y ARGININE        ? 'C6 H15 N4 O2 1' 175.209 
ASN 'L-peptide linking' y ASPARAGINE      ? 'C4 H8 N2 O3'    132.118 
ASP 'L-peptide linking' y 'ASPARTIC ACID' ? 'C4 H7 N O4'     133.103 
CYS 'L-peptide linking' y CYSTEINE        ? 'C3 H7 N O2 S'   121.158 
GLN 'L-peptide linking' y GLUTAMINE       ? 'C5 H10 N2 O3'   146.144 
GLU 'L-peptide linking' y 'GLUTAMIC ACID' ? 'C5 H9 N O4'     147.129 
GLY 'peptide linking'   y GLYCINE         ? 'C2 H5 N O2'     75.067  
HIS 'L-peptide linking' y HISTIDINE       ? 'C6 H10 N3 O2 1' 156.162 
HOH non-polymer         . WATER           ? 'H2 O'           18.015  
ILE 'L-peptide linking' y ISOLEUCINE      ? 'C6 H13 N O2'    131.173 
LEU 'L-peptide linking' y LEUCINE         ? 'C6 H13 N O2'    131.173 
LYS 'L-peptide linking' y LYSINE          ? 'C6 H15 N2 O2 1' 147.195 
MET 'L-peptide linking' y METHIONINE      ? 'C5 H11 N O2 S'  149.211 
PHE 'L-peptide linking' y PHENYLALANINE   ? 'C9 H11 N O2'    165.189 
PO4 non-polymer         . 'PHOSPHATE ION' ? 'O4 P -3'        94.971  
PRO 'L-peptide linking' y PROLINE         ? 'C5 H9 N O2'     115.130 
SER 'L-peptide linking' y SERINE          ? 'C3 H7 N O3'     105.093 
THR 'L-peptide linking' y THREONINE       ? 'C4 H9 N O3'     119.119 
TYR 'L-peptide linking' y TYROSINE        ? 'C9 H11 N O3'    181.189 
VAL 'L-peptide linking' y VALINE          ? 'C5 H11 N O2'    117.146 
# 
loop_
_pdbx_poly_seq_scheme.asym_id 
_pdbx_poly_seq_scheme.entity_id 
_pdbx_poly_seq_scheme.seq_id 
_pdbx_poly_seq_scheme.mon_id 
_pdbx_poly_seq_scheme.ndb_seq_num 
_pdbx_poly_seq_scheme.pdb_seq_num 
_pdbx_poly_seq_scheme.auth_seq_num 
_pdbx_poly_seq_scheme.pdb_mon_id 
_pdbx_poly_seq_scheme.auth_mon_id 
_pdbx_poly_seq_scheme.pdb_strand_id 
_pdbx_poly_seq_scheme.pdb_ins_code 
_pdbx_poly_seq_scheme.hetero 
A 1 1  MET 1  1  ?  ?   ?   A . n 
A 1 2  PRO 2  2  ?  ?   ?   A . n 
A 1 3  LEU 3  3  ?  ?   ?   A . n 
A 1 4  VAL 4  4  ?  ?   ?   A . n 
A 1 5  GLY 5  5  ?  ?   ?   A . n 
A 1 6  PHE 6  6  6  PHE PHE A . n 
A 1 7  MET 7  7  7  MET MET A . n 
A 1 8  LYS 8  8  8  LYS LYS A . n 
A 1 9  GLU 9  9  9  GLU GLU A . n 
A 1 10 LYS 10 10 10 LYS LYS A . n 
A 1 11 LYS 11 11 11 LYS LYS A . n 
A 1 12 ARG 12 12 12 ARG ARG A . n 
A 1 13 ALA 13 13 13 ALA ALA A . n 
A 1 14 THR 14 14 14 THR THR A . n 
A 1 15 PHE 15 15 15 PHE PHE A . n 
A 1 16 TYR 16 16 16 TYR TYR A . n 
A 1 17 LEU 17 17 17 LEU LEU A . n 
A 1 18 TYR 18 18 18 TYR TYR A . n 
A 1 19 LYS 19 19 19 LYS LYS A . n 
A 1 20 ASN 20 20 20 ASN ASN A . n 
A 1 21 ILE 21 21 21 ILE ILE A . n 
A 1 22 ASP 22 22 22 ASP ASP A . n 
A 1 23 GLY 23 23 23 GLY GLY A . n 
A 1 24 ARG 24 24 24 ARG ARG A . n 
A 1 25 LYS 25 25 25 LYS LYS A . n 
A 1 26 LEU 26 26 26 LEU LEU A . n 
A 1 27 ARG 27 27 27 ARG ARG A . n 
A 1 28 TYR 28 28 28 TYR TYR A . n 
A 1 29 LEU 29 29 29 LEU LEU A . n 
A 1 30 LEU 30 30 30 LEU LEU A . n 
A 1 31 HIS 31 31 31 HIS HIS A . n 
A 1 32 LYS 32 32 32 LYS LYS A . n 
A 1 33 LEU 33 33 33 LEU LEU A . n 
A 1 34 GLU 34 34 34 GLU GLU A . n 
A 1 35 ASN 35 35 35 ASN ASN A . n 
A 1 36 VAL 36 36 36 VAL VAL A . n 
A 1 37 GLU 37 37 37 GLU GLU A . n 
A 1 38 ASN 38 38 38 ASN ASN A . n 
A 1 39 VAL 39 39 39 VAL VAL A . n 
A 1 40 ASP 40 40 40 ASP ASP A . n 
A 1 41 ILE 41 41 41 ILE ILE A . n 
A 1 42 ASP 42 42 42 ASP ASP A . n 
A 1 43 THR 43 43 43 THR THR A . n 
A 1 44 LEU 44 44 44 LEU LEU A . n 
A 1 45 ARG 45 45 45 ARG ARG A . n 
A 1 46 ARG 46 46 46 ARG ARG A . n 
A 1 47 ALA 47 47 47 ALA ALA A . n 
A 1 48 ILE 48 48 48 ILE ILE A . n 
A 1 49 GLU 49 49 49 GLU GLU A . n 
A 1 50 ALA 50 50 50 ALA ALA A . n 
A 1 51 GLU 51 51 51 GLU GLU A . n 
A 1 52 LYS 52 52 52 LYS LYS A . n 
A 1 53 LYS 53 53 53 LYS LYS A . n 
A 1 54 TYR 54 54 54 TYR TYR A . n 
A 1 55 LYS 55 55 55 LYS LYS A . n 
A 1 56 ARG 56 56 56 ARG ARG A . n 
A 1 57 SER 57 57 57 SER SER A . n 
A 1 58 ILE 58 58 58 ILE ILE A . n 
A 1 59 THR 59 59 59 THR THR A . n 
A 1 60 LEU 60 60 60 LEU LEU A . n 
A 1 61 THR 61 61 61 THR THR A . n 
A 1 62 GLU 62 62 62 GLU GLU A . n 
A 1 63 GLU 63 63 63 GLU GLU A . n 
A 1 64 GLU 64 64 64 GLU GLU A . n 
A 1 65 GLU 65 65 65 GLU GLU A . n 
A 1 66 VAL 66 66 66 VAL VAL A . n 
A 1 67 ILE 67 67 67 ILE ILE A . n 
A 1 68 ILE 68 68 68 ILE ILE A . n 
A 1 69 GLN 69 69 69 GLN GLN A . n 
A 1 70 ARG 70 70 70 ARG ARG A . n 
A 1 71 LEU 71 71 71 LEU LEU A . n 
A 1 72 GLY 72 72 72 GLY GLY A . n 
A 1 73 LYS 73 73 73 LYS LYS A . n 
A 1 74 SER 74 74 74 SER SER A . n 
A 1 75 ALA 75 75 75 ALA ALA A . n 
A 1 76 ASN 76 76 76 ASN ASN A . n 
A 1 77 LEU 77 77 77 LEU LEU A . n 
A 1 78 LEU 78 78 78 LEU LEU A . n 
A 1 79 LEU 79 79 79 LEU LEU A . n 
A 1 80 ASN 80 80 80 ASN ASN A . n 
A 1 81 CYS 81 81 81 CYS CYS A . n 
A 1 82 GLU 82 82 82 GLU GLU A . n 
A 1 83 LEU 83 83 83 LEU LEU A . n 
A 1 84 VAL 84 84 84 VAL VAL A . n 
A 1 85 LYS 85 85 85 LYS LYS A . n 
A 1 86 LEU 86 86 86 LEU LEU A . n 
A 1 87 ASP 87 87 87 ASP ASP A . n 
A 1 88 GLU 88 88 ?  ?   ?   A . n 
A 1 89 GLY 89 89 ?  ?   ?   A . n 
A 1 90 GLU 90 90 ?  ?   ?   A . n 
A 1 91 ARG 91 91 ?  ?   ?   A . n 
A 1 92 ALA 92 92 ?  ?   ?   A . n 
# 
loop_
_pdbx_nonpoly_scheme.asym_id 
_pdbx_nonpoly_scheme.entity_id 
_pdbx_nonpoly_scheme.mon_id 
_pdbx_nonpoly_scheme.ndb_seq_num 
_pdbx_nonpoly_scheme.pdb_seq_num 
_pdbx_nonpoly_scheme.auth_seq_num 
_pdbx_nonpoly_scheme.pdb_mon_id 
_pdbx_nonpoly_scheme.auth_mon_id 
_pdbx_nonpoly_scheme.pdb_strand_id 
_pdbx_nonpoly_scheme.pdb_ins_code 
B 2 PO4 1  101 1  PO4 PO4 A . 
C 3 HOH 1  102 1  HOH HOH A . 
C 3 HOH 2  103 2  HOH HOH A . 
C 3 HOH 3  104 3  HOH HOH A . 
C 3 HOH 4  105 4  HOH HOH A . 
C 3 HOH 5  106 5  HOH HOH A . 
C 3 HOH 6  107 6  HOH HOH A . 
C 3 HOH 7  108 7  HOH HOH A . 
C 3 HOH 8  109 8  HOH HOH A . 
C 3 HOH 9  110 9  HOH HOH A . 
C 3 HOH 10 111 10 HOH HOH A . 
C 3 HOH 11 112 11 HOH HOH A . 
C 3 HOH 12 113 12 HOH HOH A . 
C 3 HOH 13 114 13 HOH HOH A . 
C 3 HOH 14 115 14 HOH HOH A . 
C 3 HOH 15 116 15 HOH HOH A . 
C 3 HOH 16 117 16 HOH HOH A . 
C 3 HOH 17 118 17 HOH HOH A . 
C 3 HOH 18 119 18 HOH HOH A . 
C 3 HOH 19 120 19 HOH HOH A . 
C 3 HOH 20 121 20 HOH HOH A . 
C 3 HOH 21 122 21 HOH HOH A . 
C 3 HOH 22 123 22 HOH HOH A . 
C 3 HOH 23 124 23 HOH HOH A . 
C 3 HOH 24 125 24 HOH HOH A . 
C 3 HOH 25 126 25 HOH HOH A . 
C 3 HOH 26 127 26 HOH HOH A . 
C 3 HOH 27 128 27 HOH HOH A . 
C 3 HOH 28 129 28 HOH HOH A . 
C 3 HOH 29 130 29 HOH HOH A . 
C 3 HOH 30 131 30 HOH HOH A . 
C 3 HOH 31 132 31 HOH HOH A . 
C 3 HOH 32 133 32 HOH HOH A . 
C 3 HOH 33 134 33 HOH HOH A . 
C 3 HOH 34 135 34 HOH HOH A . 
C 3 HOH 35 136 35 HOH HOH A . 
C 3 HOH 36 137 36 HOH HOH A . 
C 3 HOH 37 138 37 HOH HOH A . 
C 3 HOH 38 139 38 HOH HOH A . 
C 3 HOH 39 140 39 HOH HOH A . 
C 3 HOH 40 141 40 HOH HOH A . 
C 3 HOH 41 142 41 HOH HOH A . 
C 3 HOH 42 143 42 HOH HOH A . 
C 3 HOH 43 144 43 HOH HOH A . 
C 3 HOH 44 145 44 HOH HOH A . 
C 3 HOH 45 146 45 HOH HOH A . 
C 3 HOH 46 147 46 HOH HOH A . 
C 3 HOH 47 148 47 HOH HOH A . 
C 3 HOH 48 149 48 HOH HOH A . 
C 3 HOH 49 150 49 HOH HOH A . 
C 3 HOH 50 151 50 HOH HOH A . 
C 3 HOH 51 152 51 HOH HOH A . 
C 3 HOH 52 153 52 HOH HOH A . 
C 3 HOH 53 154 54 HOH HOH A . 
C 3 HOH 54 155 56 HOH HOH A . 
C 3 HOH 55 156 57 HOH HOH A . 
C 3 HOH 56 157 58 HOH HOH A . 
C 3 HOH 57 158 59 HOH HOH A . 
C 3 HOH 58 159 60 HOH HOH A . 
C 3 HOH 59 160 61 HOH HOH A . 
C 3 HOH 60 161 62 HOH HOH A . 
C 3 HOH 61 162 63 HOH HOH A . 
C 3 HOH 62 163 65 HOH HOH A . 
C 3 HOH 63 164 66 HOH HOH A . 
C 3 HOH 64 165 68 HOH HOH A . 
C 3 HOH 65 166 69 HOH HOH A . 
C 3 HOH 66 167 71 HOH HOH A . 
C 3 HOH 67 168 72 HOH HOH A . 
C 3 HOH 68 169 73 HOH HOH A . 
# 
loop_
_software.name 
_software.classification 
_software.version 
_software.citation_id 
_software.pdbx_ordinal 
CNS      refinement        1.1 ? 1 
BSS      'data collection' .   ? 2 
HKL-2000 'data reduction'  .   ? 3 
HKL-2000 'data scaling'    .   ? 4 
SOLVE    phasing           .   ? 5 
# 
_cell.entry_id           2EFV 
_cell.length_a           78.846 
_cell.length_b           78.846 
_cell.length_c           35.104 
_cell.angle_alpha        90.00 
_cell.angle_beta         90.00 
_cell.angle_gamma        90.00 
_cell.Z_PDB              8 
_cell.pdbx_unique_axis   ? 
_cell.length_a_esd       ? 
_cell.length_b_esd       ? 
_cell.length_c_esd       ? 
_cell.angle_alpha_esd    ? 
_cell.angle_beta_esd     ? 
_cell.angle_gamma_esd    ? 
# 
_symmetry.entry_id                         2EFV 
_symmetry.space_group_name_H-M             'P 43 21 2' 
_symmetry.pdbx_full_space_group_name_H-M   ? 
_symmetry.cell_setting                     ? 
_symmetry.Int_Tables_number                96 
_symmetry.space_group_name_Hall            ? 
# 
_exptl.entry_id          2EFV 
_exptl.method            'X-RAY DIFFRACTION' 
_exptl.crystals_number   1 
# 
_exptl_crystal.id                    1 
_exptl_crystal.density_meas          ? 
_exptl_crystal.density_Matthews      2.51 
_exptl_crystal.density_percent_sol   50.97 
_exptl_crystal.description           'the file contains Friedel pairs' 
_exptl_crystal.F_000                 ? 
_exptl_crystal.preparation           ? 
# 
_exptl_crystal_grow.crystal_id      1 
_exptl_crystal_grow.method          'LIQUID DIFFUSION' 
_exptl_crystal_grow.temp            293 
_exptl_crystal_grow.temp_details    ? 
_exptl_crystal_grow.pH              7.5 
_exptl_crystal_grow.pdbx_details    '2% PEG400, 2M Ammonium Sulfate, 0.1M HEPES pH7.5, LIQUID DIFFUSION, temperature 293K' 
_exptl_crystal_grow.pdbx_pH_range   . 
# 
_diffrn.id                     1 
_diffrn.ambient_temp           180 
_diffrn.ambient_temp_details   ? 
_diffrn.crystal_id             1 
# 
_diffrn_detector.diffrn_id              1 
_diffrn_detector.detector               CCD 
_diffrn_detector.type                   'RIGAKU JUPITER 210' 
_diffrn_detector.pdbx_collection_date   2006-11-16 
_diffrn_detector.details                ? 
# 
_diffrn_radiation.diffrn_id                        1 
_diffrn_radiation.wavelength_id                    1 
_diffrn_radiation.pdbx_monochromatic_or_laue_m_l   M 
_diffrn_radiation.monochromator                    Si 
_diffrn_radiation.pdbx_diffrn_protocol             MAD 
_diffrn_radiation.pdbx_scattering_type             x-ray 
# 
loop_
_diffrn_radiation_wavelength.id 
_diffrn_radiation_wavelength.wavelength 
_diffrn_radiation_wavelength.wt 
1 0.97884 1.0 
2 0.9000  1.0 
3 0.97973 1.0 
# 
_diffrn_source.diffrn_id                   1 
_diffrn_source.source                      SYNCHROTRON 
_diffrn_source.type                        'SPRING-8 BEAMLINE BL26B2' 
_diffrn_source.pdbx_synchrotron_site       SPring-8 
_diffrn_source.pdbx_synchrotron_beamline   BL26B2 
_diffrn_source.pdbx_wavelength             ? 
_diffrn_source.pdbx_wavelength_list        '0.97884, 0.9000, 0.97973' 
# 
_reflns.entry_id                     2EFV 
_reflns.observed_criterion_sigma_I   2 
_reflns.observed_criterion_sigma_F   2 
_reflns.d_resolution_low             50 
_reflns.d_resolution_high            1.90 
_reflns.number_obs                   16670 
_reflns.number_all                   ? 
_reflns.percent_possible_obs         99.8 
_reflns.pdbx_Rmerge_I_obs            0.067 
_reflns.pdbx_Rsym_value              ? 
_reflns.pdbx_netI_over_sigmaI        ? 
_reflns.B_iso_Wilson_estimate        15.2 
_reflns.pdbx_redundancy              12.7 
_reflns.R_free_details               ? 
_reflns.limit_h_max                  ? 
_reflns.limit_h_min                  ? 
_reflns.limit_k_max                  ? 
_reflns.limit_k_min                  ? 
_reflns.limit_l_max                  ? 
_reflns.limit_l_min                  ? 
_reflns.observed_criterion_F_max     ? 
_reflns.observed_criterion_F_min     ? 
_reflns.pdbx_chi_squared             ? 
_reflns.pdbx_scaling_rejects         ? 
_reflns.pdbx_diffrn_id               1 
_reflns.pdbx_ordinal                 1 
# 
_reflns_shell.d_res_high             1.90 
_reflns_shell.d_res_low              1.97 
_reflns_shell.percent_possible_all   98.8 
_reflns_shell.Rmerge_I_obs           0.4 
_reflns_shell.pdbx_Rsym_value        ? 
_reflns_shell.meanI_over_sigI_obs    ? 
_reflns_shell.pdbx_redundancy        9.5 
_reflns_shell.percent_possible_obs   ? 
_reflns_shell.number_unique_all      894 
_reflns_shell.number_measured_all    ? 
_reflns_shell.number_measured_obs    ? 
_reflns_shell.number_unique_obs      ? 
_reflns_shell.pdbx_chi_squared       ? 
_reflns_shell.pdbx_diffrn_id         ? 
_reflns_shell.pdbx_ordinal           1 
# 
_refine.entry_id                                 2EFV 
_refine.ls_number_reflns_obs                     16177 
_refine.ls_number_reflns_all                     ? 
_refine.pdbx_ls_sigma_I                          ? 
_refine.pdbx_ls_sigma_F                          0.0 
_refine.pdbx_data_cutoff_high_absF               306925.11 
_refine.pdbx_data_cutoff_low_absF                0.000000 
_refine.pdbx_data_cutoff_high_rms_absF           ? 
_refine.ls_d_res_low                             19.71 
_refine.ls_d_res_high                            1.90 
_refine.ls_percent_reflns_obs                    96.9 
_refine.ls_R_factor_obs                          0.219 
_refine.ls_R_factor_all                          ? 
_refine.ls_R_factor_R_work                       0.219 
_refine.ls_R_factor_R_free                       0.231 
_refine.ls_R_factor_R_free_error                 0.010 
_refine.ls_R_factor_R_free_error_details         ? 
_refine.ls_percent_reflns_R_free                 3.1 
_refine.ls_number_reflns_R_free                  498 
_refine.ls_number_parameters                     ? 
_refine.ls_number_restraints                     ? 
_refine.occupancy_min                            ? 
_refine.occupancy_max                            ? 
_refine.correlation_coeff_Fo_to_Fc               ? 
_refine.correlation_coeff_Fo_to_Fc_free          ? 
_refine.B_iso_mean                               26.8 
_refine.aniso_B[1][1]                            -3.66 
_refine.aniso_B[2][2]                            -3.66 
_refine.aniso_B[3][3]                            7.33 
_refine.aniso_B[1][2]                            0.00 
_refine.aniso_B[1][3]                            0.00 
_refine.aniso_B[2][3]                            0.00 
_refine.solvent_model_details                    'FLAT MODEL' 
_refine.solvent_model_param_ksol                 0.398351 
_refine.solvent_model_param_bsol                 60.4893 
_refine.pdbx_solvent_vdw_probe_radii             ? 
_refine.pdbx_solvent_ion_probe_radii             ? 
_refine.pdbx_solvent_shrinkage_radii             ? 
_refine.pdbx_ls_cross_valid_method               THROUGHOUT 
_refine.details                                  'the file contains Friedel pairs' 
_refine.pdbx_starting_model                      ? 
_refine.pdbx_method_to_determine_struct          MAD 
_refine.pdbx_isotropic_thermal_model             RESTRAINED 
_refine.pdbx_stereochemistry_target_values       'Engh & Huber' 
_refine.pdbx_stereochem_target_val_spec_case     ? 
_refine.pdbx_R_Free_selection_details            RANDOM 
_refine.pdbx_overall_ESU_R                       ? 
_refine.pdbx_overall_ESU_R_Free                  ? 
_refine.overall_SU_ML                            ? 
_refine.overall_SU_B                             ? 
_refine.ls_redundancy_reflns_obs                 ? 
_refine.B_iso_min                                ? 
_refine.B_iso_max                                ? 
_refine.overall_SU_R_Cruickshank_DPI             ? 
_refine.overall_SU_R_free                        ? 
_refine.ls_wR_factor_R_free                      ? 
_refine.ls_wR_factor_R_work                      ? 
_refine.overall_FOM_free_R_set                   ? 
_refine.overall_FOM_work_R_set                   ? 
_refine.pdbx_refine_id                           'X-RAY DIFFRACTION' 
_refine.pdbx_diffrn_id                           1 
_refine.pdbx_TLS_residual_ADP_flag               ? 
_refine.pdbx_overall_phase_error                 ? 
_refine.pdbx_overall_SU_R_free_Cruickshank_DPI   ? 
_refine.pdbx_overall_SU_R_Blow_DPI               ? 
_refine.pdbx_overall_SU_R_free_Blow_DPI          ? 
# 
_refine_analyze.entry_id                        2EFV 
_refine_analyze.Luzzati_coordinate_error_obs    0.23 
_refine_analyze.Luzzati_sigma_a_obs             0.18 
_refine_analyze.Luzzati_d_res_low_obs           5.00 
_refine_analyze.Luzzati_coordinate_error_free   0.24 
_refine_analyze.Luzzati_sigma_a_free            0.10 
_refine_analyze.Luzzati_d_res_low_free          ? 
_refine_analyze.number_disordered_residues      ? 
_refine_analyze.occupancy_sum_hydrogen          ? 
_refine_analyze.occupancy_sum_non_hydrogen      ? 
_refine_analyze.pdbx_Luzzati_d_res_high_obs     ? 
_refine_analyze.pdbx_refine_id                  'X-RAY DIFFRACTION' 
# 
_refine_hist.pdbx_refine_id                   'X-RAY DIFFRACTION' 
_refine_hist.cycle_id                         LAST 
_refine_hist.pdbx_number_atoms_protein        689 
_refine_hist.pdbx_number_atoms_nucleic_acid   0 
_refine_hist.pdbx_number_atoms_ligand         5 
_refine_hist.number_atoms_solvent             68 
_refine_hist.number_atoms_total               762 
_refine_hist.d_res_high                       1.90 
_refine_hist.d_res_low                        19.71 
# 
loop_
_refine_ls_restr.type 
_refine_ls_restr.dev_ideal 
_refine_ls_restr.dev_ideal_target 
_refine_ls_restr.weight 
_refine_ls_restr.number 
_refine_ls_restr.pdbx_refine_id 
_refine_ls_restr.pdbx_restraint_function 
c_bond_d           0.007 ?    ? ? 'X-RAY DIFFRACTION' ? 
c_angle_deg        1.4   ?    ? ? 'X-RAY DIFFRACTION' ? 
c_dihedral_angle_d 19.8  ?    ? ? 'X-RAY DIFFRACTION' ? 
c_improper_angle_d 0.64  ?    ? ? 'X-RAY DIFFRACTION' ? 
c_mcbond_it        1.28  1.50 ? ? 'X-RAY DIFFRACTION' ? 
c_mcangle_it       1.78  2.00 ? ? 'X-RAY DIFFRACTION' ? 
c_scbond_it        2.44  2.00 ? ? 'X-RAY DIFFRACTION' ? 
c_scangle_it       3.68  2.50 ? ? 'X-RAY DIFFRACTION' ? 
# 
_refine_ls_shell.pdbx_total_number_of_bins_used   6 
_refine_ls_shell.d_res_high                       1.90 
_refine_ls_shell.d_res_low                        2.02 
_refine_ls_shell.number_reflns_R_work             2438 
_refine_ls_shell.R_factor_R_work                  0.268 
_refine_ls_shell.percent_reflns_obs               89.6 
_refine_ls_shell.R_factor_R_free                  0.252 
_refine_ls_shell.R_factor_R_free_error            0.027 
_refine_ls_shell.percent_reflns_R_free            3.4 
_refine_ls_shell.number_reflns_R_free             87 
_refine_ls_shell.number_reflns_all                ? 
_refine_ls_shell.R_factor_all                     ? 
_refine_ls_shell.number_reflns_obs                ? 
_refine_ls_shell.redundancy_reflns_obs            ? 
_refine_ls_shell.pdbx_refine_id                   'X-RAY DIFFRACTION' 
# 
loop_
_pdbx_xplor_file.serial_no 
_pdbx_xplor_file.param_file 
_pdbx_xplor_file.topol_file 
_pdbx_xplor_file.pdbx_refine_id 
1 protein_rep.param protein.top     'X-RAY DIFFRACTION' 
2 water_rep.param   water.top       'X-RAY DIFFRACTION' 
3 dna-rna_rep.param dna-rna_rep.top 'X-RAY DIFFRACTION' 
4 ion.param         ion.top         'X-RAY DIFFRACTION' 
# 
_struct.entry_id                  2EFV 
_struct.title                     'Crystal Structure of a Hypothetical Protein(MJ0366) from Methanocaldococcus jannaschii' 
_struct.pdbx_model_details        ? 
_struct.pdbx_CASP_flag            ? 
_struct.pdbx_model_type_details   ? 
# 
_struct_keywords.entry_id        2EFV 
_struct_keywords.pdbx_keywords   'STRUCTURAL GENOMICS, UNKNOWN FUNCTION' 
_struct_keywords.text            
;Hypothetical Protein, Methanocaldococcus jannaschii DSM 2661, Structural Genomics, NPPSFA, National Project on Protein Structural and Functional Analyses, RIKEN Structural Genomics/Proteomics Initiative, RSGI, UNKNOWN FUNCTION
;
# 
loop_
_struct_asym.id 
_struct_asym.pdbx_blank_PDB_chainid_flag 
_struct_asym.pdbx_modified 
_struct_asym.entity_id 
_struct_asym.details 
A N N 1 ? 
B N N 2 ? 
C N N 3 ? 
# 
_struct_ref.id                         1 
_struct_ref.db_name                    UNP 
_struct_ref.db_code                    Y366_METJA 
_struct_ref.pdbx_db_accession          Q57812 
_struct_ref.entity_id                  1 
_struct_ref.pdbx_seq_one_letter_code   
;MPLVGFMKEKKRATFYLYKNIDGRKLRYLLHKLENVENVDIDTLRRAIEAEKKYKRSITLTEEEEVIIQRLGKSANLLLN
CELVKLDEGERA
;
_struct_ref.pdbx_align_begin           1 
_struct_ref.pdbx_db_isoform            ? 
# 
_struct_ref_seq.align_id                      1 
_struct_ref_seq.ref_id                        1 
_struct_ref_seq.pdbx_PDB_id_code              2EFV 
_struct_ref_seq.pdbx_strand_id                A 
_struct_ref_seq.seq_align_beg                 1 
_struct_ref_seq.pdbx_seq_align_beg_ins_code   ? 
_struct_ref_seq.seq_align_end                 92 
_struct_ref_seq.pdbx_seq_align_end_ins_code   ? 
_struct_ref_seq.pdbx_db_accession             Q57812 
_struct_ref_seq.db_align_beg                  1 
_struct_ref_seq.pdbx_db_align_beg_ins_code    ? 
_struct_ref_seq.db_align_end                  92 
_struct_ref_seq.pdbx_db_align_end_ins_code    ? 
_struct_ref_seq.pdbx_auth_seq_align_beg       1 
_struct_ref_seq.pdbx_auth_seq_align_end       92 
# 
_pdbx_struct_assembly.id                   1 
_pdbx_struct_assembly.details              author_defined_assembly 
_pdbx_struct_assembly.method_details       ? 
_pdbx_struct_assembly.oligomeric_details   dimeric 
_pdbx_struct_assembly.oligomeric_count     2 
# 
_pdbx_struct_assembly_gen.assembly_id       1 
_pdbx_struct_assembly_gen.oper_expression   1,2 
_pdbx_struct_assembly_gen.asym_id_list      A,B,C 
# 
loop_
_pdbx_struct_oper_list.id 
_pdbx_struct_oper_list.type 
_pdbx_struct_oper_list.name 
_pdbx_struct_oper_list.symmetry_operation 
_pdbx_struct_oper_list.matrix[1][1] 
_pdbx_struct_oper_list.matrix[1][2] 
_pdbx_struct_oper_list.matrix[1][3] 
_pdbx_struct_oper_list.vector[1] 
_pdbx_struct_oper_list.matrix[2][1] 
_pdbx_struct_oper_list.matrix[2][2] 
_pdbx_struct_oper_list.matrix[2][3] 
_pdbx_struct_oper_list.vector[2] 
_pdbx_struct_oper_list.matrix[3][1] 
_pdbx_struct_oper_list.matrix[3][2] 
_pdbx_struct_oper_list.matrix[3][3] 
_pdbx_struct_oper_list.vector[3] 
1 'identity operation'         1_555 x,y,z        1.0000000000 0.0000000000  0.0000000000 0.0000000000  0.0000000000  1.0000000000  0.0000000000  0.0000000000  0.0000000000 0.0000000000  1.0000000000  0.0000000000   
2 'crystal symmetry operation' 8_554 -y,-x,-z-1/2 0.2923373721 -0.2962567976 0.9092693609 12.5194630321 -0.2962567976 -0.9320857757 -0.2084418782 -6.9266886660 0.9092693609 -0.2084418782 -0.3602515964 -20.0506575282 
# 
_struct_biol.id        1 
_struct_biol.details   ? 
# 
loop_
_struct_conf.conf_type_id 
_struct_conf.id 
_struct_conf.pdbx_PDB_helix_id 
_struct_conf.beg_label_comp_id 
_struct_conf.beg_label_asym_id 
_struct_conf.beg_label_seq_id 
_struct_conf.pdbx_beg_PDB_ins_code 
_struct_conf.end_label_comp_id 
_struct_conf.end_label_asym_id 
_struct_conf.end_label_seq_id 
_struct_conf.pdbx_end_PDB_ins_code 
_struct_conf.beg_auth_comp_id 
_struct_conf.beg_auth_asym_id 
_struct_conf.beg_auth_seq_id 
_struct_conf.end_auth_comp_id 
_struct_conf.end_auth_asym_id 
_struct_conf.end_auth_seq_id 
_struct_conf.pdbx_PDB_helix_class 
_struct_conf.details 
_struct_conf.pdbx_PDB_helix_length 
HELX_P HELX_P1 1 ASP A 22 ? LEU A 33 ? ASP A 22 LEU A 33 1 ? 12 
HELX_P HELX_P2 2 GLU A 34 ? VAL A 36 ? GLU A 34 VAL A 36 5 ? 3  
HELX_P HELX_P3 3 ASP A 40 ? ALA A 50 ? ASP A 40 ALA A 50 1 ? 11 
HELX_P HELX_P4 4 THR A 61 ? GLY A 72 ? THR A 61 GLY A 72 1 ? 12 
HELX_P HELX_P5 5 SER A 74 ? ASP A 87 ? SER A 74 ASP A 87 1 ? 14 
# 
_struct_conf_type.id          HELX_P 
_struct_conf_type.criteria    ? 
_struct_conf_type.reference   ? 
# 
_struct_sheet.id               A 
_struct_sheet.type             ? 
_struct_sheet.number_strands   2 
_struct_sheet.details          ? 
# 
_struct_sheet_order.sheet_id     A 
_struct_sheet_order.range_id_1   1 
_struct_sheet_order.range_id_2   2 
_struct_sheet_order.offset       ? 
_struct_sheet_order.sense        anti-parallel 
# 
loop_
_struct_sheet_range.sheet_id 
_struct_sheet_range.id 
_struct_sheet_range.beg_label_comp_id 
_struct_sheet_range.beg_label_asym_id 
_struct_sheet_range.beg_label_seq_id 
_struct_sheet_range.pdbx_beg_PDB_ins_code 
_struct_sheet_range.end_label_comp_id 
_struct_sheet_range.end_label_asym_id 
_struct_sheet_range.end_label_seq_id 
_struct_sheet_range.pdbx_end_PDB_ins_code 
_struct_sheet_range.beg_auth_comp_id 
_struct_sheet_range.beg_auth_asym_id 
_struct_sheet_range.beg_auth_seq_id 
_struct_sheet_range.end_auth_comp_id 
_struct_sheet_range.end_auth_asym_id 
_struct_sheet_range.end_auth_seq_id 
A 1 ARG A 12 ? LEU A 17 ? ARG A 12 LEU A 17 
A 2 TYR A 54 ? THR A 59 ? TYR A 54 THR A 59 
# 
_pdbx_struct_sheet_hbond.sheet_id                A 
_pdbx_struct_sheet_hbond.range_id_1              1 
_pdbx_struct_sheet_hbond.range_id_2              2 
_pdbx_struct_sheet_hbond.range_1_label_atom_id   N 
_pdbx_struct_sheet_hbond.range_1_label_comp_id   PHE 
_pdbx_struct_sheet_hbond.range_1_label_asym_id   A 
_pdbx_struct_sheet_hbond.range_1_label_seq_id    15 
_pdbx_struct_sheet_hbond.range_1_PDB_ins_code    ? 
_pdbx_struct_sheet_hbond.range_1_auth_atom_id    N 
_pdbx_struct_sheet_hbond.range_1_auth_comp_id    PHE 
_pdbx_struct_sheet_hbond.range_1_auth_asym_id    A 
_pdbx_struct_sheet_hbond.range_1_auth_seq_id     15 
_pdbx_struct_sheet_hbond.range_2_label_atom_id   O 
_pdbx_struct_sheet_hbond.range_2_label_comp_id   ARG 
_pdbx_struct_sheet_hbond.range_2_label_asym_id   A 
_pdbx_struct_sheet_hbond.range_2_label_seq_id    56 
_pdbx_struct_sheet_hbond.range_2_PDB_ins_code    ? 
_pdbx_struct_sheet_hbond.range_2_auth_atom_id    O 
_pdbx_struct_sheet_hbond.range_2_auth_comp_id    ARG 
_pdbx_struct_sheet_hbond.range_2_auth_asym_id    A 
_pdbx_struct_sheet_hbond.range_2_auth_seq_id     56 
# 
_struct_site.id                   AC1 
_struct_site.pdbx_evidence_code   Software 
_struct_site.pdbx_auth_asym_id    A 
_struct_site.pdbx_auth_comp_id    PO4 
_struct_site.pdbx_auth_seq_id     101 
_struct_site.pdbx_auth_ins_code   ? 
_struct_site.pdbx_num_residues    5 
_struct_site.details              'BINDING SITE FOR RESIDUE PO4 A 101' 
# 
loop_
_struct_site_gen.id 
_struct_site_gen.site_id 
_struct_site_gen.pdbx_num_res 
_struct_site_gen.label_comp_id 
_struct_site_gen.label_asym_id 
_struct_site_gen.label_seq_id 
_struct_site_gen.pdbx_auth_ins_code 
_struct_site_gen.auth_comp_id 
_struct_site_gen.auth_asym_id 
_struct_site_gen.auth_seq_id 
_struct_site_gen.label_atom_id 
_struct_site_gen.label_alt_id 
_struct_site_gen.symmetry 
_struct_site_gen.details 
1 AC1 5 LYS A 52 ? LYS A 52  . ? 1_555 ? 
2 AC1 5 ASN A 76 ? ASN A 76  . ? 1_555 ? 
3 AC1 5 LEU A 77 ? LEU A 77  . ? 1_555 ? 
4 AC1 5 HOH C .  ? HOH A 102 . ? 1_555 ? 
5 AC1 5 HOH C .  ? HOH A 155 . ? 1_555 ? 
# 
_pdbx_validate_torsion.id              1 
_pdbx_validate_torsion.PDB_model_num   1 
_pdbx_validate_torsion.auth_comp_id    MET 
_pdbx_validate_torsion.auth_asym_id    A 
_pdbx_validate_torsion.auth_seq_id     7 
_pdbx_validate_torsion.PDB_ins_code    ? 
_pdbx_validate_torsion.label_alt_id    ? 
_pdbx_validate_torsion.phi             78.29 
_pdbx_validate_torsion.psi             160.87 
# 
_pdbx_SG_project.id                    1 
_pdbx_SG_project.project_name          'NPPSFA, National Project on Protein Structural and Functional Analyses' 
_pdbx_SG_project.full_name_of_center   'RIKEN Structural Genomics/Proteomics Initiative' 
_pdbx_SG_project.initial_of_center     RSGI 
# 
loop_
_pdbx_unobs_or_zero_occ_residues.id 
_pdbx_unobs_or_zero_occ_residues.PDB_model_num 
_pdbx_unobs_or_zero_occ_residues.polymer_flag 
_pdbx_unobs_or_zero_occ_residues.occupancy_flag 
_pdbx_unobs_or_zero_occ_residues.auth_asym_id 
_pdbx_unobs_or_zero_occ_residues.auth_comp_id 
_pdbx_unobs_or_zero_occ_residues.auth_seq_id 
_pdbx_unobs_or_zero_occ_residues.PDB_ins_code 
_pdbx_unobs_or_zero_occ_residues.label_asym_id 
_pdbx_unobs_or_zero_occ_residues.label_comp_id 
_pdbx_unobs_or_zero_occ_residues.label_seq_id 
1  1 Y 1 A MET 1  ? A MET 1  
2  1 Y 1 A PRO 2  ? A PRO 2  
3  1 Y 1 A LEU 3  ? A LEU 3  
4  1 Y 1 A VAL 4  ? A VAL 4  
5  1 Y 1 A GLY 5  ? A GLY 5  
6  1 Y 1 A GLU 88 ? A GLU 88 
7  1 Y 1 A GLY 89 ? A GLY 89 
8  1 Y 1 A GLU 90 ? A GLU 90 
9  1 Y 1 A ARG 91 ? A ARG 91 
10 1 Y 1 A ALA 92 ? A ALA 92 
# 
loop_
_chem_comp_atom.comp_id 
_chem_comp_atom.atom_id 
_chem_comp_atom.type_symbol 
_chem_comp_atom.pdbx_aromatic_flag 
_chem_comp_atom.pdbx_stereo_config 
_chem_comp_atom.pdbx_ordinal 
ALA N    N N N 1   
ALA CA   C N S 2   
ALA C    C N N 3   
ALA O    O N N 4   
ALA CB   C N N 5   
ALA OXT  O N N 6   
ALA H    H N N 7   
ALA H2   H N N 8   
ALA HA   H N N 9   
ALA HB1  H N N 10  
ALA HB2  H N N 11  
ALA HB3  H N N 12  
ALA HXT  H N N 13  
ARG N    N N N 14  
ARG CA   C N S 15  
ARG C    C N N 16  
ARG O    O N N 17  
ARG CB   C N N 18  
ARG CG   C N N 19  
ARG CD   C N N 20  
ARG NE   N N N 21  
ARG CZ   C N N 22  
ARG NH1  N N N 23  
ARG NH2  N N N 24  
ARG OXT  O N N 25  
ARG H    H N N 26  
ARG H2   H N N 27  
ARG HA   H N N 28  
ARG HB2  H N N 29  
ARG HB3  H N N 30  
ARG HG2  H N N 31  
ARG HG3  H N N 32  
ARG HD2  H N N 33  
ARG HD3  H N N 34  
ARG HE   H N N 35  
ARG HH11 H N N 36  
ARG HH12 H N N 37  
ARG HH21 H N N 38  
ARG HH22 H N N 39  
ARG HXT  H N N 40  
ASN N    N N N 41  
ASN CA   C N S 42  
ASN C    C N N 43  
ASN O    O N N 44  
ASN CB   C N N 45  
ASN CG   C N N 46  
ASN OD1  O N N 47  
ASN ND2  N N N 48  
ASN OXT  O N N 49  
ASN H    H N N 50  
ASN H2   H N N 51  
ASN HA   H N N 52  
ASN HB2  H N N 53  
ASN HB3  H N N 54  
ASN HD21 H N N 55  
ASN HD22 H N N 56  
ASN HXT  H N N 57  
ASP N    N N N 58  
ASP CA   C N S 59  
ASP C    C N N 60  
ASP O    O N N 61  
ASP CB   C N N 62  
ASP CG   C N N 63  
ASP OD1  O N N 64  
ASP OD2  O N N 65  
ASP OXT  O N N 66  
ASP H    H N N 67  
ASP H2   H N N 68  
ASP HA   H N N 69  
ASP HB2  H N N 70  
ASP HB3  H N N 71  
ASP HD2  H N N 72  
ASP HXT  H N N 73  
CYS N    N N N 74  
CYS CA   C N R 75  
CYS C    C N N 76  
CYS O    O N N 77  
CYS CB   C N N 78  
CYS SG   S N N 79  
CYS OXT  O N N 80  
CYS H    H N N 81  
CYS H2   H N N 82  
CYS HA   H N N 83  
CYS HB2  H N N 84  
CYS HB3  H N N 85  
CYS HG   H N N 86  
CYS HXT  H N N 87  
GLN N    N N N 88  
GLN CA   C N S 89  
GLN C    C N N 90  
GLN O    O N N 91  
GLN CB   C N N 92  
GLN CG   C N N 93  
GLN CD   C N N 94  
GLN OE1  O N N 95  
GLN NE2  N N N 96  
GLN OXT  O N N 97  
GLN H    H N N 98  
GLN H2   H N N 99  
GLN HA   H N N 100 
GLN HB2  H N N 101 
GLN HB3  H N N 102 
GLN HG2  H N N 103 
GLN HG3  H N N 104 
GLN HE21 H N N 105 
GLN HE22 H N N 106 
GLN HXT  H N N 107 
GLU N    N N N 108 
GLU CA   C N S 109 
GLU C    C N N 110 
GLU O    O N N 111 
GLU CB   C N N 112 
GLU CG   C N N 113 
GLU CD   C N N 114 
GLU OE1  O N N 115 
GLU OE2  O N N 116 
GLU OXT  O N N 117 
GLU H    H N N 118 
GLU H2   H N N 119 
GLU HA   H N N 120 
GLU HB2  H N N 121 
GLU HB3  H N N 122 
GLU HG2  H N N 123 
GLU HG3  H N N 124 
GLU HE2  H N N 125 
GLU HXT  H N N 126 
GLY N    N N N 127 
GLY CA   C N N 128 
GLY C    C N N 129 
GLY O    O N N 130 
GLY OXT  O N N 131 
GLY H    H N N 132 
GLY H2   H N N 133 
GLY HA2  H N N 134 
GLY HA3  H N N 135 
GLY HXT  H N N 136 
HIS N    N N N 137 
HIS CA   C N S 138 
HIS C    C N N 139 
HIS O    O N N 140 
HIS CB   C N N 141 
HIS CG   C Y N 142 
HIS ND1  N Y N 143 
HIS CD2  C Y N 144 
HIS CE1  C Y N 145 
HIS NE2  N Y N 146 
HIS OXT  O N N 147 
HIS H    H N N 148 
HIS H2   H N N 149 
HIS HA   H N N 150 
HIS HB2  H N N 151 
HIS HB3  H N N 152 
HIS HD1  H N N 153 
HIS HD2  H N N 154 
HIS HE1  H N N 155 
HIS HE2  H N N 156 
HIS HXT  H N N 157 
HOH O    O N N 158 
HOH H1   H N N 159 
HOH H2   H N N 160 
ILE N    N N N 161 
ILE CA   C N S 162 
ILE C    C N N 163 
ILE O    O N N 164 
ILE CB   C N S 165 
ILE CG1  C N N 166 
ILE CG2  C N N 167 
ILE CD1  C N N 168 
ILE OXT  O N N 169 
ILE H    H N N 170 
ILE H2   H N N 171 
ILE HA   H N N 172 
ILE HB   H N N 173 
ILE HG12 H N N 174 
ILE HG13 H N N 175 
ILE HG21 H N N 176 
ILE HG22 H N N 177 
ILE HG23 H N N 178 
ILE HD11 H N N 179 
ILE HD12 H N N 180 
ILE HD13 H N N 181 
ILE HXT  H N N 182 
LEU N    N N N 183 
LEU CA   C N S 184 
LEU C    C N N 185 
LEU O    O N N 186 
LEU CB   C N N 187 
LEU CG   C N N 188 
LEU CD1  C N N 189 
LEU CD2  C N N 190 
LEU OXT  O N N 191 
LEU H    H N N 192 
LEU H2   H N N 193 
LEU HA   H N N 194 
LEU HB2  H N N 195 
LEU HB3  H N N 196 
LEU HG   H N N 197 
LEU HD11 H N N 198 
LEU HD12 H N N 199 
LEU HD13 H N N 200 
LEU HD21 H N N 201 
LEU HD22 H N N 202 
LEU HD23 H N N 203 
LEU HXT  H N N 204 
LYS N    N N N 205 
LYS CA   C N S 206 
LYS C    C N N 207 
LYS O    O N N 208 
LYS CB   C N N 209 
LYS CG   C N N 210 
LYS CD   C N N 211 
LYS CE   C N N 212 
LYS NZ   N N N 213 
LYS OXT  O N N 214 
LYS H    H N N 215 
LYS H2   H N N 216 
LYS HA   H N N 217 
LYS HB2  H N N 218 
LYS HB3  H N N 219 
LYS HG2  H N N 220 
LYS HG3  H N N 221 
LYS HD2  H N N 222 
LYS HD3  H N N 223 
LYS HE2  H N N 224 
LYS HE3  H N N 225 
LYS HZ1  H N N 226 
LYS HZ2  H N N 227 
LYS HZ3  H N N 228 
LYS HXT  H N N 229 
MET N    N N N 230 
MET CA   C N S 231 
MET C    C N N 232 
MET O    O N N 233 
MET CB   C N N 234 
MET CG   C N N 235 
MET SD   S N N 236 
MET CE   C N N 237 
MET OXT  O N N 238 
MET H    H N N 239 
MET H2   H N N 240 
MET HA   H N N 241 
MET HB2  H N N 242 
MET HB3  H N N 243 
MET HG2  H N N 244 
MET HG3  H N N 245 
MET HE1  H N N 246 
MET HE2  H N N 247 
MET HE3  H N N 248 
MET HXT  H N N 249 
PHE N    N N N 250 
PHE CA   C N S 251 
PHE C    C N N 252 
PHE O    O N N 253 
PHE CB   C N N 254 
PHE CG   C Y N 255 
PHE CD1  C Y N 256 
PHE CD2  C Y N 257 
PHE CE1  C Y N 258 
PHE CE2  C Y N 259 
PHE CZ   C Y N 260 
PHE OXT  O N N 261 
PHE H    H N N 262 
PHE H2   H N N 263 
PHE HA   H N N 264 
PHE HB2  H N N 265 
PHE HB3  H N N 266 
PHE HD1  H N N 267 
PHE HD2  H N N 268 
PHE HE1  H N N 269 
PHE HE2  H N N 270 
PHE HZ   H N N 271 
PHE HXT  H N N 272 
PO4 P    P N N 273 
PO4 O1   O N N 274 
PO4 O2   O N N 275 
PO4 O3   O N N 276 
PO4 O4   O N N 277 
PRO N    N N N 278 
PRO CA   C N S 279 
PRO C    C N N 280 
PRO O    O N N 281 
PRO CB   C N N 282 
PRO CG   C N N 283 
PRO CD   C N N 284 
PRO OXT  O N N 285 
PRO H    H N N 286 
PRO HA   H N N 287 
PRO HB2  H N N 288 
PRO HB3  H N N 289 
PRO HG2  H N N 290 
PRO HG3  H N N 291 
PRO HD2  H N N 292 
PRO HD3  H N N 293 
PRO HXT  H N N 294 
SER N    N N N 295 
SER CA   C N S 296 
SER C    C N N 297 
SER O    O N N 298 
SER CB   C N N 299 
SER OG   O N N 300 
SER OXT  O N N 301 
SER H    H N N 302 
SER H2   H N N 303 
SER HA   H N N 304 
SER HB2  H N N 305 
SER HB3  H N N 306 
SER HG   H N N 307 
SER HXT  H N N 308 
THR N    N N N 309 
THR CA   C N S 310 
THR C    C N N 311 
THR O    O N N 312 
THR CB   C N R 313 
THR OG1  O N N 314 
THR CG2  C N N 315 
THR OXT  O N N 316 
THR H    H N N 317 
THR H2   H N N 318 
THR HA   H N N 319 
THR HB   H N N 320 
THR HG1  H N N 321 
THR HG21 H N N 322 
THR HG22 H N N 323 
THR HG23 H N N 324 
THR HXT  H N N 325 
TYR N    N N N 326 
TYR CA   C N S 327 
TYR C    C N N 328 
TYR O    O N N 329 
TYR CB   C N N 330 
TYR CG   C Y N 331 
TYR CD1  C Y N 332 
TYR CD2  C Y N 333 
TYR CE1  C Y N 334 
TYR CE2  C Y N 335 
TYR CZ   C Y N 336 
TYR OH   O N N 337 
TYR OXT  O N N 338 
TYR H    H N N 339 
TYR H2   H N N 340 
TYR HA   H N N 341 
TYR HB2  H N N 342 
TYR HB3  H N N 343 
TYR HD1  H N N 344 
TYR HD2  H N N 345 
TYR HE1  H N N 346 
TYR HE2  H N N 347 
TYR HH   H N N 348 
TYR HXT  H N N 349 
VAL N    N N N 350 
VAL CA   C N S 351 
VAL C    C N N 352 
VAL O    O N N 353 
VAL CB   C N N 354 
VAL CG1  C N N 355 
VAL CG2  C N N 356 
VAL OXT  O N N 357 
VAL H    H N N 358 
VAL H2   H N N 359 
VAL HA   H N N 360 
VAL HB   H N N 361 
VAL HG11 H N N 362 
VAL HG12 H N N 363 
VAL HG13 H N N 364 
VAL HG21 H N N 365 
VAL HG22 H N N 366 
VAL HG23 H N N 367 
VAL HXT  H N N 368 
# 
loop_
_chem_comp_bond.comp_id 
_chem_comp_bond.atom_id_1 
_chem_comp_bond.atom_id_2 
_chem_comp_bond.value_order 
_chem_comp_bond.pdbx_aromatic_flag 
_chem_comp_bond.pdbx_stereo_config 
_chem_comp_bond.pdbx_ordinal 
ALA N   CA   sing N N 1   
ALA N   H    sing N N 2   
ALA N   H2   sing N N 3   
ALA CA  C    sing N N 4   
ALA CA  CB   sing N N 5   
ALA CA  HA   sing N N 6   
ALA C   O    doub N N 7   
ALA C   OXT  sing N N 8   
ALA CB  HB1  sing N N 9   
ALA CB  HB2  sing N N 10  
ALA CB  HB3  sing N N 11  
ALA OXT HXT  sing N N 12  
ARG N   CA   sing N N 13  
ARG N   H    sing N N 14  
ARG N   H2   sing N N 15  
ARG CA  C    sing N N 16  
ARG CA  CB   sing N N 17  
ARG CA  HA   sing N N 18  
ARG C   O    doub N N 19  
ARG C   OXT  sing N N 20  
ARG CB  CG   sing N N 21  
ARG CB  HB2  sing N N 22  
ARG CB  HB3  sing N N 23  
ARG CG  CD   sing N N 24  
ARG CG  HG2  sing N N 25  
ARG CG  HG3  sing N N 26  
ARG CD  NE   sing N N 27  
ARG CD  HD2  sing N N 28  
ARG CD  HD3  sing N N 29  
ARG NE  CZ   sing N N 30  
ARG NE  HE   sing N N 31  
ARG CZ  NH1  sing N N 32  
ARG CZ  NH2  doub N N 33  
ARG NH1 HH11 sing N N 34  
ARG NH1 HH12 sing N N 35  
ARG NH2 HH21 sing N N 36  
ARG NH2 HH22 sing N N 37  
ARG OXT HXT  sing N N 38  
ASN N   CA   sing N N 39  
ASN N   H    sing N N 40  
ASN N   H2   sing N N 41  
ASN CA  C    sing N N 42  
ASN CA  CB   sing N N 43  
ASN CA  HA   sing N N 44  
ASN C   O    doub N N 45  
ASN C   OXT  sing N N 46  
ASN CB  CG   sing N N 47  
ASN CB  HB2  sing N N 48  
ASN CB  HB3  sing N N 49  
ASN CG  OD1  doub N N 50  
ASN CG  ND2  sing N N 51  
ASN ND2 HD21 sing N N 52  
ASN ND2 HD22 sing N N 53  
ASN OXT HXT  sing N N 54  
ASP N   CA   sing N N 55  
ASP N   H    sing N N 56  
ASP N   H2   sing N N 57  
ASP CA  C    sing N N 58  
ASP CA  CB   sing N N 59  
ASP CA  HA   sing N N 60  
ASP C   O    doub N N 61  
ASP C   OXT  sing N N 62  
ASP CB  CG   sing N N 63  
ASP CB  HB2  sing N N 64  
ASP CB  HB3  sing N N 65  
ASP CG  OD1  doub N N 66  
ASP CG  OD2  sing N N 67  
ASP OD2 HD2  sing N N 68  
ASP OXT HXT  sing N N 69  
CYS N   CA   sing N N 70  
CYS N   H    sing N N 71  
CYS N   H2   sing N N 72  
CYS CA  C    sing N N 73  
CYS CA  CB   sing N N 74  
CYS CA  HA   sing N N 75  
CYS C   O    doub N N 76  
CYS C   OXT  sing N N 77  
CYS CB  SG   sing N N 78  
CYS CB  HB2  sing N N 79  
CYS CB  HB3  sing N N 80  
CYS SG  HG   sing N N 81  
CYS OXT HXT  sing N N 82  
GLN N   CA   sing N N 83  
GLN N   H    sing N N 84  
GLN N   H2   sing N N 85  
GLN CA  C    sing N N 86  
GLN CA  CB   sing N N 87  
GLN CA  HA   sing N N 88  
GLN C   O    doub N N 89  
GLN C   OXT  sing N N 90  
GLN CB  CG   sing N N 91  
GLN CB  HB2  sing N N 92  
GLN CB  HB3  sing N N 93  
GLN CG  CD   sing N N 94  
GLN CG  HG2  sing N N 95  
GLN CG  HG3  sing N N 96  
GLN CD  OE1  doub N N 97  
GLN CD  NE2  sing N N 98  
GLN NE2 HE21 sing N N 99  
GLN NE2 HE22 sing N N 100 
GLN OXT HXT  sing N N 101 
GLU N   CA   sing N N 102 
GLU N   H    sing N N 103 
GLU N   H2   sing N N 104 
GLU CA  C    sing N N 105 
GLU CA  CB   sing N N 106 
GLU CA  HA   sing N N 107 
GLU C   O    doub N N 108 
GLU C   OXT  sing N N 109 
GLU CB  CG   sing N N 110 
GLU CB  HB2  sing N N 111 
GLU CB  HB3  sing N N 112 
GLU CG  CD   sing N N 113 
GLU CG  HG2  sing N N 114 
GLU CG  HG3  sing N N 115 
GLU CD  OE1  doub N N 116 
GLU CD  OE2  sing N N 117 
GLU OE2 HE2  sing N N 118 
GLU OXT HXT  sing N N 119 
GLY N   CA   sing N N 120 
GLY N   H    sing N N 121 
GLY N   H2   sing N N 122 
GLY CA  C    sing N N 123 
GLY CA  HA2  sing N N 124 
GLY CA  HA3  sing N N 125 
GLY C   O    doub N N 126 
GLY C   OXT  sing N N 127 
GLY OXT HXT  sing N N 128 
HIS N   CA   sing N N 129 
HIS N   H    sing N N 130 
HIS N   H2   sing N N 131 
HIS CA  C    sing N N 132 
HIS CA  CB   sing N N 133 
HIS CA  HA   sing N N 134 
HIS C   O    doub N N 135 
HIS C   OXT  sing N N 136 
HIS CB  CG   sing N N 137 
HIS CB  HB2  sing N N 138 
HIS CB  HB3  sing N N 139 
HIS CG  ND1  sing Y N 140 
HIS CG  CD2  doub Y N 141 
HIS ND1 CE1  doub Y N 142 
HIS ND1 HD1  sing N N 143 
HIS CD2 NE2  sing Y N 144 
HIS CD2 HD2  sing N N 145 
HIS CE1 NE2  sing Y N 146 
HIS CE1 HE1  sing N N 147 
HIS NE2 HE2  sing N N 148 
HIS OXT HXT  sing N N 149 
HOH O   H1   sing N N 150 
HOH O   H2   sing N N 151 
ILE N   CA   sing N N 152 
ILE N   H    sing N N 153 
ILE N   H2   sing N N 154 
ILE CA  C    sing N N 155 
ILE CA  CB   sing N N 156 
ILE CA  HA   sing N N 157 
ILE C   O    doub N N 158 
ILE C   OXT  sing N N 159 
ILE CB  CG1  sing N N 160 
ILE CB  CG2  sing N N 161 
ILE CB  HB   sing N N 162 
ILE CG1 CD1  sing N N 163 
ILE CG1 HG12 sing N N 164 
ILE CG1 HG13 sing N N 165 
ILE CG2 HG21 sing N N 166 
ILE CG2 HG22 sing N N 167 
ILE CG2 HG23 sing N N 168 
ILE CD1 HD11 sing N N 169 
ILE CD1 HD12 sing N N 170 
ILE CD1 HD13 sing N N 171 
ILE OXT HXT  sing N N 172 
LEU N   CA   sing N N 173 
LEU N   H    sing N N 174 
LEU N   H2   sing N N 175 
LEU CA  C    sing N N 176 
LEU CA  CB   sing N N 177 
LEU CA  HA   sing N N 178 
LEU C   O    doub N N 179 
LEU C   OXT  sing N N 180 
LEU CB  CG   sing N N 181 
LEU CB  HB2  sing N N 182 
LEU CB  HB3  sing N N 183 
LEU CG  CD1  sing N N 184 
LEU CG  CD2  sing N N 185 
LEU CG  HG   sing N N 186 
LEU CD1 HD11 sing N N 187 
LEU CD1 HD12 sing N N 188 
LEU CD1 HD13 sing N N 189 
LEU CD2 HD21 sing N N 190 
LEU CD2 HD22 sing N N 191 
LEU CD2 HD23 sing N N 192 
LEU OXT HXT  sing N N 193 
LYS N   CA   sing N N 194 
LYS N   H    sing N N 195 
LYS N   H2   sing N N 196 
LYS CA  C    sing N N 197 
LYS CA  CB   sing N N 198 
LYS CA  HA   sing N N 199 
LYS C   O    doub N N 200 
LYS C   OXT  sing N N 201 
LYS CB  CG   sing N N 202 
LYS CB  HB2  sing N N 203 
LYS CB  HB3  sing N N 204 
LYS CG  CD   sing N N 205 
LYS CG  HG2  sing N N 206 
LYS CG  HG3  sing N N 207 
LYS CD  CE   sing N N 208 
LYS CD  HD2  sing N N 209 
LYS CD  HD3  sing N N 210 
LYS CE  NZ   sing N N 211 
LYS CE  HE2  sing N N 212 
LYS CE  HE3  sing N N 213 
LYS NZ  HZ1  sing N N 214 
LYS NZ  HZ2  sing N N 215 
LYS NZ  HZ3  sing N N 216 
LYS OXT HXT  sing N N 217 
MET N   CA   sing N N 218 
MET N   H    sing N N 219 
MET N   H2   sing N N 220 
MET CA  C    sing N N 221 
MET CA  CB   sing N N 222 
MET CA  HA   sing N N 223 
MET C   O    doub N N 224 
MET C   OXT  sing N N 225 
MET CB  CG   sing N N 226 
MET CB  HB2  sing N N 227 
MET CB  HB3  sing N N 228 
MET CG  SD   sing N N 229 
MET CG  HG2  sing N N 230 
MET CG  HG3  sing N N 231 
MET SD  CE   sing N N 232 
MET CE  HE1  sing N N 233 
MET CE  HE2  sing N N 234 
MET CE  HE3  sing N N 235 
MET OXT HXT  sing N N 236 
PHE N   CA   sing N N 237 
PHE N   H    sing N N 238 
PHE N   H2   sing N N 239 
PHE CA  C    sing N N 240 
PHE CA  CB   sing N N 241 
PHE CA  HA   sing N N 242 
PHE C   O    doub N N 243 
PHE C   OXT  sing N N 244 
PHE CB  CG   sing N N 245 
PHE CB  HB2  sing N N 246 
PHE CB  HB3  sing N N 247 
PHE CG  CD1  doub Y N 248 
PHE CG  CD2  sing Y N 249 
PHE CD1 CE1  sing Y N 250 
PHE CD1 HD1  sing N N 251 
PHE CD2 CE2  doub Y N 252 
PHE CD2 HD2  sing N N 253 
PHE CE1 CZ   doub Y N 254 
PHE CE1 HE1  sing N N 255 
PHE CE2 CZ   sing Y N 256 
PHE CE2 HE2  sing N N 257 
PHE CZ  HZ   sing N N 258 
PHE OXT HXT  sing N N 259 
PO4 P   O1   doub N N 260 
PO4 P   O2   sing N N 261 
PO4 P   O3   sing N N 262 
PO4 P   O4   sing N N 263 
PRO N   CA   sing N N 264 
PRO N   CD   sing N N 265 
PRO N   H    sing N N 266 
PRO CA  C    sing N N 267 
PRO CA  CB   sing N N 268 
PRO CA  HA   sing N N 269 
PRO C   O    doub N N 270 
PRO C   OXT  sing N N 271 
PRO CB  CG   sing N N 272 
PRO CB  HB2  sing N N 273 
PRO CB  HB3  sing N N 274 
PRO CG  CD   sing N N 275 
PRO CG  HG2  sing N N 276 
PRO CG  HG3  sing N N 277 
PRO CD  HD2  sing N N 278 
PRO CD  HD3  sing N N 279 
PRO OXT HXT  sing N N 280 
SER N   CA   sing N N 281 
SER N   H    sing N N 282 
SER N   H2   sing N N 283 
SER CA  C    sing N N 284 
SER CA  CB   sing N N 285 
SER CA  HA   sing N N 286 
SER C   O    doub N N 287 
SER C   OXT  sing N N 288 
SER CB  OG   sing N N 289 
SER CB  HB2  sing N N 290 
SER CB  HB3  sing N N 291 
SER OG  HG   sing N N 292 
SER OXT HXT  sing N N 293 
THR N   CA   sing N N 294 
THR N   H    sing N N 295 
THR N   H2   sing N N 296 
THR CA  C    sing N N 297 
THR CA  CB   sing N N 298 
THR CA  HA   sing N N 299 
THR C   O    doub N N 300 
THR C   OXT  sing N N 301 
THR CB  OG1  sing N N 302 
THR CB  CG2  sing N N 303 
THR CB  HB   sing N N 304 
THR OG1 HG1  sing N N 305 
THR CG2 HG21 sing N N 306 
THR CG2 HG22 sing N N 307 
THR CG2 HG23 sing N N 308 
THR OXT HXT  sing N N 309 
TYR N   CA   sing N N 310 
TYR N   H    sing N N 311 
TYR N   H2   sing N N 312 
TYR CA  C    sing N N 313 
TYR CA  CB   sing N N 314 
TYR CA  HA   sing N N 315 
TYR C   O    doub N N 316 
TYR C   OXT  sing N N 317 
TYR CB  CG   sing N N 318 
TYR CB  HB2  sing N N 319 
TYR CB  HB3  sing N N 320 
TYR CG  CD1  doub Y N 321 
TYR CG  CD2  sing Y N 322 
TYR CD1 CE1  sing Y N 323 
TYR CD1 HD1  sing N N 324 
TYR CD2 CE2  doub Y N 325 
TYR CD2 HD2  sing N N 326 
TYR CE1 CZ   doub Y N 327 
TYR CE1 HE1  sing N N 328 
TYR CE2 CZ   sing Y N 329 
TYR CE2 HE2  sing N N 330 
TYR CZ  OH   sing N N 331 
TYR OH  HH   sing N N 332 
TYR OXT HXT  sing N N 333 
VAL N   CA   sing N N 334 
VAL N   H    sing N N 335 
VAL N   H2   sing N N 336 
VAL CA  C    sing N N 337 
VAL CA  CB   sing N N 338 
VAL CA  HA   sing N N 339 
VAL C   O    doub N N 340 
VAL C   OXT  sing N N 341 
VAL CB  CG1  sing N N 342 
VAL CB  CG2  sing N N 343 
VAL CB  HB   sing N N 344 
VAL CG1 HG11 sing N N 345 
VAL CG1 HG12 sing N N 346 
VAL CG1 HG13 sing N N 347 
VAL CG2 HG21 sing N N 348 
VAL CG2 HG22 sing N N 349 
VAL CG2 HG23 sing N N 350 
VAL OXT HXT  sing N N 351 
# 
_atom_sites.entry_id                    2EFV 
_atom_sites.fract_transf_matrix[1][1]   0.00194865 
_atom_sites.fract_transf_matrix[1][2]   -0.00243752 
_atom_sites.fract_transf_matrix[1][3]   0.01229308 
_atom_sites.fract_transf_matrix[2][1]   -0.01246951 
_atom_sites.fract_transf_matrix[2][2]   0.00086772 
_atom_sites.fract_transf_matrix[2][3]   0.00214867 
_atom_sites.fract_transf_matrix[3][1]   -0.00281655 
_atom_sites.fract_transf_matrix[3][2]   -0.02788793 
_atom_sites.fract_transf_matrix[3][3]   -0.00508326 
_atom_sites.fract_transf_vector[1]      -0.108456 
_atom_sites.fract_transf_vector[2]      0.313660 
_atom_sites.fract_transf_vector[3]      -0.379918 
# 
loop_
_atom_type.symbol 
C 
N 
O 
P 
S 
# 
loop_
_atom_site.group_PDB 
_atom_site.id 
_atom_site.type_symbol 
_atom_site.label_atom_id 
_atom_site.label_alt_id 
_atom_site.label_comp_id 
_atom_site.label_asym_id 
_atom_site.label_entity_id 
_atom_site.label_seq_id 
_atom_site.pdbx_PDB_ins_code 
_atom_site.Cartn_x 
_atom_site.Cartn_y 
_atom_site.Cartn_z 
_atom_site.occupancy 
_atom_site.B_iso_or_equiv 
_atom_site.pdbx_formal_charge 
_atom_site.auth_seq_id 
_atom_site.auth_comp_id 
_atom_site.auth_asym_id 
_atom_site.auth_atom_id 
_atom_site.pdbx_PDB_model_num 
ATOM   1   N N   . PHE A 1 6  ? -5.436  -17.728 10.425  1.00 36.56 ? 6   PHE A N   1 
ATOM   2   C CA  . PHE A 1 6  ? -6.759  -17.934 11.069  1.00 36.15 ? 6   PHE A CA  1 
ATOM   3   C C   . PHE A 1 6  ? -7.671  -16.704 10.982  1.00 35.92 ? 6   PHE A C   1 
ATOM   4   O O   . PHE A 1 6  ? -8.849  -16.790 11.315  1.00 36.68 ? 6   PHE A O   1 
ATOM   5   C CB  . PHE A 1 6  ? -6.582  -18.329 12.533  1.00 37.08 ? 6   PHE A CB  1 
ATOM   6   C CG  . PHE A 1 6  ? -5.578  -17.488 13.277  1.00 37.83 ? 6   PHE A CG  1 
ATOM   7   C CD1 . PHE A 1 6  ? -4.219  -17.793 13.230  1.00 38.82 ? 6   PHE A CD1 1 
ATOM   8   C CD2 . PHE A 1 6  ? -5.992  -16.392 14.028  1.00 37.77 ? 6   PHE A CD2 1 
ATOM   9   C CE1 . PHE A 1 6  ? -3.286  -17.017 13.920  1.00 38.52 ? 6   PHE A CE1 1 
ATOM   10  C CE2 . PHE A 1 6  ? -5.068  -15.608 14.722  1.00 37.68 ? 6   PHE A CE2 1 
ATOM   11  C CZ  . PHE A 1 6  ? -3.713  -15.922 14.669  1.00 38.65 ? 6   PHE A CZ  1 
ATOM   12  N N   . MET A 1 7  ? -7.135  -15.574 10.517  1.00 35.00 ? 7   MET A N   1 
ATOM   13  C CA  . MET A 1 7  ? -7.904  -14.325 10.366  1.00 34.92 ? 7   MET A CA  1 
ATOM   14  C C   . MET A 1 7  ? -8.108  -13.576 11.704  1.00 34.61 ? 7   MET A C   1 
ATOM   15  O O   . MET A 1 7  ? -7.982  -14.162 12.766  1.00 32.74 ? 7   MET A O   1 
ATOM   16  C CB  . MET A 1 7  ? -9.269  -14.599 9.712   1.00 35.99 ? 7   MET A CB  1 
ATOM   17  C CG  . MET A 1 7  ? -9.214  -15.281 8.349   1.00 37.15 ? 7   MET A CG  1 
ATOM   18  S SD  . MET A 1 7  ? -8.365  -14.269 7.123   1.00 43.13 ? 7   MET A SD  1 
ATOM   19  C CE  . MET A 1 7  ? -6.787  -14.869 7.273   1.00 32.13 ? 7   MET A CE  1 
ATOM   20  N N   . LYS A 1 8  ? -8.430  -12.282 11.646  1.00 29.98 ? 8   LYS A N   1 
ATOM   21  C CA  . LYS A 1 8  ? -8.608  -11.447 12.849  1.00 30.19 ? 8   LYS A CA  1 
ATOM   22  C C   . LYS A 1 8  ? -7.429  -11.702 13.792  1.00 29.15 ? 8   LYS A C   1 
ATOM   23  O O   . LYS A 1 8  ? -7.588  -12.042 14.975  1.00 32.04 ? 8   LYS A O   1 
ATOM   24  C CB  . LYS A 1 8  ? -9.937  -11.781 13.535  1.00 30.95 ? 8   LYS A CB  1 
ATOM   25  C CG  . LYS A 1 8  ? -11.155 -11.707 12.608  1.00 27.98 ? 8   LYS A CG  1 
ATOM   26  C CD  . LYS A 1 8  ? -12.490 -12.104 13.273  1.00 28.53 ? 8   LYS A CD  1 
ATOM   27  C CE  . LYS A 1 8  ? -12.752 -11.287 14.523  1.00 29.60 ? 8   LYS A CE  1 
ATOM   28  N NZ  . LYS A 1 8  ? -14.000 -11.683 15.218  1.00 30.26 ? 8   LYS A NZ  1 
ATOM   29  N N   . GLU A 1 9  ? -6.239  -11.523 13.232  1.00 30.95 ? 9   GLU A N   1 
ATOM   30  C CA  . GLU A 1 9  ? -4.985  -11.776 13.926  1.00 30.60 ? 9   GLU A CA  1 
ATOM   31  C C   . GLU A 1 9  ? -4.380  -10.574 14.642  1.00 31.13 ? 9   GLU A C   1 
ATOM   32  O O   . GLU A 1 9  ? -3.416  -10.719 15.402  1.00 29.26 ? 9   GLU A O   1 
ATOM   33  C CB  . GLU A 1 9  ? -3.976  -12.344 12.914  1.00 29.33 ? 9   GLU A CB  1 
ATOM   34  C CG  . GLU A 1 9  ? -4.571  -13.438 12.016  1.00 32.22 ? 9   GLU A CG  1 
ATOM   35  C CD  . GLU A 1 9  ? -3.521  -14.180 11.189  1.00 33.72 ? 9   GLU A CD  1 
ATOM   36  O OE1 . GLU A 1 9  ? -2.307  -14.030 11.462  1.00 33.99 ? 9   GLU A OE1 1 
ATOM   37  O OE2 . GLU A 1 9  ? -3.919  -14.931 10.272  1.00 33.85 ? 9   GLU A OE2 1 
ATOM   38  N N   . LYS A 1 10 ? -4.945  -9.392  14.408  1.00 27.45 ? 10  LYS A N   1 
ATOM   39  C CA  . LYS A 1 10 ? -4.448  -8.159  15.047  1.00 28.47 ? 10  LYS A CA  1 
ATOM   40  C C   . LYS A 1 10 ? -2.957  -7.958  14.816  1.00 27.68 ? 10  LYS A C   1 
ATOM   41  O O   . LYS A 1 10 ? -2.193  -7.700  15.745  1.00 29.77 ? 10  LYS A O   1 
ATOM   42  C CB  . LYS A 1 10 ? -4.715  -8.194  16.564  1.00 30.36 ? 10  LYS A CB  1 
ATOM   43  C CG  . LYS A 1 10 ? -5.985  -8.935  16.994  1.00 28.32 ? 10  LYS A CG  1 
ATOM   44  C CD  . LYS A 1 10 ? -7.253  -8.263  16.437  1.00 26.35 ? 10  LYS A CD  1 
ATOM   45  C CE  . LYS A 1 10 ? -8.521  -8.967  16.897  1.00 26.24 ? 10  LYS A CE  1 
ATOM   46  N NZ  . LYS A 1 10 ? -9.741  -8.430  16.196  1.00 27.33 ? 10  LYS A NZ  1 
ATOM   47  N N   . LYS A 1 11 ? -2.542  -8.109  13.568  1.00 30.56 ? 11  LYS A N   1 
ATOM   48  C CA  . LYS A 1 11 ? -1.141  -7.953  13.219  1.00 30.06 ? 11  LYS A CA  1 
ATOM   49  C C   . LYS A 1 11 ? -0.931  -6.735  12.335  1.00 29.36 ? 11  LYS A C   1 
ATOM   50  O O   . LYS A 1 11 ? -1.868  -6.258  11.682  1.00 25.53 ? 11  LYS A O   1 
ATOM   51  C CB  . LYS A 1 11 ? -0.638  -9.217  12.518  1.00 31.74 ? 11  LYS A CB  1 
ATOM   52  C CG  . LYS A 1 11 ? -0.808  -10.461 13.379  1.00 35.24 ? 11  LYS A CG  1 
ATOM   53  C CD  . LYS A 1 11 ? -0.180  -11.692 12.743  1.00 38.83 ? 11  LYS A CD  1 
ATOM   54  C CE  . LYS A 1 11 ? -0.268  -12.887 13.684  1.00 39.72 ? 11  LYS A CE  1 
ATOM   55  N NZ  . LYS A 1 11 ? 0.381   -14.096 13.116  1.00 42.11 ? 11  LYS A NZ  1 
ATOM   56  N N   . ARG A 1 12 ? 0.302   -6.235  12.329  1.00 27.75 ? 12  ARG A N   1 
ATOM   57  C CA  . ARG A 1 12 ? 0.640   -5.071  11.532  1.00 29.32 ? 12  ARG A CA  1 
ATOM   58  C C   . ARG A 1 12 ? 1.245   -5.432  10.192  1.00 28.03 ? 12  ARG A C   1 
ATOM   59  O O   . ARG A 1 12 ? 1.980   -6.410  10.063  1.00 29.16 ? 12  ARG A O   1 
ATOM   60  C CB  . ARG A 1 12 ? 1.659   -4.190  12.249  1.00 31.22 ? 12  ARG A CB  1 
ATOM   61  C CG  . ARG A 1 12 ? 1.219   -3.559  13.546  1.00 35.24 ? 12  ARG A CG  1 
ATOM   62  C CD  . ARG A 1 12 ? 2.367   -2.707  14.058  1.00 36.16 ? 12  ARG A CD  1 
ATOM   63  N NE  . ARG A 1 12 ? 3.598   -3.491  14.099  1.00 39.53 ? 12  ARG A NE  1 
ATOM   64  C CZ  . ARG A 1 12 ? 4.822   -2.974  14.118  1.00 42.02 ? 12  ARG A CZ  1 
ATOM   65  N NH1 . ARG A 1 12 ? 4.991   -1.660  14.099  1.00 42.60 ? 12  ARG A NH1 1 
ATOM   66  N NH2 . ARG A 1 12 ? 5.879   -3.778  14.141  1.00 43.36 ? 12  ARG A NH2 1 
ATOM   67  N N   . ALA A 1 13 ? 0.926   -4.615  9.201   1.00 26.10 ? 13  ALA A N   1 
ATOM   68  C CA  . ALA A 1 13 ? 1.483   -4.762  7.873   1.00 25.35 ? 13  ALA A CA  1 
ATOM   69  C C   . ALA A 1 13 ? 2.434   -3.576  7.826   1.00 25.60 ? 13  ALA A C   1 
ATOM   70  O O   . ALA A 1 13 ? 2.039   -2.450  8.148   1.00 22.80 ? 13  ALA A O   1 
ATOM   71  C CB  . ALA A 1 13 ? 0.401   -4.618  6.819   1.00 24.37 ? 13  ALA A CB  1 
ATOM   72  N N   . THR A 1 14 ? 3.686   -3.826  7.457   1.00 24.26 ? 14  THR A N   1 
ATOM   73  C CA  . THR A 1 14 ? 4.684   -2.764  7.386   1.00 21.15 ? 14  THR A CA  1 
ATOM   74  C C   . THR A 1 14 ? 5.039   -2.456  5.941   1.00 20.99 ? 14  THR A C   1 
ATOM   75  O O   . THR A 1 14 ? 5.308   -3.357  5.149   1.00 18.97 ? 14  THR A O   1 
ATOM   76  C CB  . THR A 1 14 ? 5.963   -3.149  8.149   1.00 22.46 ? 14  THR A CB  1 
ATOM   77  O OG1 . THR A 1 14 ? 5.672   -3.220  9.552   1.00 24.08 ? 14  THR A OG1 1 
ATOM   78  C CG2 . THR A 1 14 ? 7.059   -2.114  7.918   1.00 22.81 ? 14  THR A CG2 1 
ATOM   79  N N   . PHE A 1 15 ? 5.035   -1.173  5.606   1.00 20.14 ? 15  PHE A N   1 
ATOM   80  C CA  . PHE A 1 15 ? 5.339   -0.740  4.256   1.00 22.61 ? 15  PHE A CA  1 
ATOM   81  C C   . PHE A 1 15 ? 6.456   0.282   4.235   1.00 22.90 ? 15  PHE A C   1 
ATOM   82  O O   . PHE A 1 15 ? 6.774   0.891   5.253   1.00 22.63 ? 15  PHE A O   1 
ATOM   83  C CB  . PHE A 1 15 ? 4.086   -0.150  3.626   1.00 22.96 ? 15  PHE A CB  1 
ATOM   84  C CG  . PHE A 1 15 ? 2.933   -1.096  3.619   1.00 26.59 ? 15  PHE A CG  1 
ATOM   85  C CD1 . PHE A 1 15 ? 2.963   -2.233  2.815   1.00 29.15 ? 15  PHE A CD1 1 
ATOM   86  C CD2 . PHE A 1 15 ? 1.842   -0.889  4.455   1.00 27.00 ? 15  PHE A CD2 1 
ATOM   87  C CE1 . PHE A 1 15 ? 1.918   -3.148  2.841   1.00 30.21 ? 15  PHE A CE1 1 
ATOM   88  C CE2 . PHE A 1 15 ? 0.793   -1.797  4.488   1.00 27.15 ? 15  PHE A CE2 1 
ATOM   89  C CZ  . PHE A 1 15 ? 0.829   -2.928  3.683   1.00 29.08 ? 15  PHE A CZ  1 
ATOM   90  N N   . TYR A 1 16 ? 7.052   0.452   3.061   1.00 23.07 ? 16  TYR A N   1 
ATOM   91  C CA  . TYR A 1 16 ? 8.133   1.408   2.861   1.00 24.07 ? 16  TYR A CA  1 
ATOM   92  C C   . TYR A 1 16 ? 7.688   2.295   1.716   1.00 23.45 ? 16  TYR A C   1 
ATOM   93  O O   . TYR A 1 16 ? 7.556   1.840   0.578   1.00 23.70 ? 16  TYR A O   1 
ATOM   94  C CB  . TYR A 1 16 ? 9.421   0.663   2.528   1.00 26.09 ? 16  TYR A CB  1 
ATOM   95  C CG  . TYR A 1 16 ? 9.886   -0.197  3.679   1.00 29.45 ? 16  TYR A CG  1 
ATOM   96  C CD1 . TYR A 1 16 ? 10.595  0.359   4.742   1.00 31.51 ? 16  TYR A CD1 1 
ATOM   97  C CD2 . TYR A 1 16 ? 9.558   -1.551  3.741   1.00 30.34 ? 16  TYR A CD2 1 
ATOM   98  C CE1 . TYR A 1 16 ? 10.964  -0.409  5.840   1.00 33.27 ? 16  TYR A CE1 1 
ATOM   99  C CE2 . TYR A 1 16 ? 9.923   -2.328  4.835   1.00 32.55 ? 16  TYR A CE2 1 
ATOM   100 C CZ  . TYR A 1 16 ? 10.623  -1.750  5.881   1.00 32.86 ? 16  TYR A CZ  1 
ATOM   101 O OH  . TYR A 1 16 ? 10.979  -2.508  6.972   1.00 36.87 ? 16  TYR A OH  1 
ATOM   102 N N   . LEU A 1 17 ? 7.444   3.560   2.036   1.00 23.28 ? 17  LEU A N   1 
ATOM   103 C CA  . LEU A 1 17 ? 6.954   4.536   1.076   1.00 24.18 ? 17  LEU A CA  1 
ATOM   104 C C   . LEU A 1 17 ? 7.960   5.655   0.818   1.00 25.28 ? 17  LEU A C   1 
ATOM   105 O O   . LEU A 1 17 ? 8.861   5.885   1.627   1.00 25.72 ? 17  LEU A O   1 
ATOM   106 C CB  . LEU A 1 17 ? 5.649   5.122   1.609   1.00 25.55 ? 17  LEU A CB  1 
ATOM   107 C CG  . LEU A 1 17 ? 4.686   4.024   2.077   1.00 26.89 ? 17  LEU A CG  1 
ATOM   108 C CD1 . LEU A 1 17 ? 3.611   4.610   2.957   1.00 27.32 ? 17  LEU A CD1 1 
ATOM   109 C CD2 . LEU A 1 17 ? 4.086   3.324   0.861   1.00 26.21 ? 17  LEU A CD2 1 
ATOM   110 N N   . TYR A 1 18 ? 7.795   6.348   -0.306  1.00 25.72 ? 18  TYR A N   1 
ATOM   111 C CA  . TYR A 1 18 ? 8.691   7.438   -0.671  1.00 26.93 ? 18  TYR A CA  1 
ATOM   112 C C   . TYR A 1 18 ? 8.307   8.760   -0.004  1.00 28.20 ? 18  TYR A C   1 
ATOM   113 O O   . TYR A 1 18 ? 8.943   9.791   -0.232  1.00 27.51 ? 18  TYR A O   1 
ATOM   114 C CB  . TYR A 1 18 ? 8.751   7.587   -2.202  1.00 24.17 ? 18  TYR A CB  1 
ATOM   115 C CG  . TYR A 1 18 ? 7.527   8.180   -2.867  1.00 25.70 ? 18  TYR A CG  1 
ATOM   116 C CD1 . TYR A 1 18 ? 7.408   9.558   -3.046  1.00 25.87 ? 18  TYR A CD1 1 
ATOM   117 C CD2 . TYR A 1 18 ? 6.506   7.361   -3.358  1.00 24.34 ? 18  TYR A CD2 1 
ATOM   118 C CE1 . TYR A 1 18 ? 6.309   10.108  -3.700  1.00 27.28 ? 18  TYR A CE1 1 
ATOM   119 C CE2 . TYR A 1 18 ? 5.399   7.901   -4.011  1.00 24.12 ? 18  TYR A CE2 1 
ATOM   120 C CZ  . TYR A 1 18 ? 5.309   9.274   -4.182  1.00 26.19 ? 18  TYR A CZ  1 
ATOM   121 O OH  . TYR A 1 18 ? 4.237   9.820   -4.849  1.00 25.37 ? 18  TYR A OH  1 
ATOM   122 N N   . LYS A 1 19 ? 7.266   8.712   0.824   1.00 30.26 ? 19  LYS A N   1 
ATOM   123 C CA  . LYS A 1 19 ? 6.789   9.872   1.584   1.00 32.95 ? 19  LYS A CA  1 
ATOM   124 C C   . LYS A 1 19 ? 6.394   9.345   2.960   1.00 33.12 ? 19  LYS A C   1 
ATOM   125 O O   . LYS A 1 19 ? 5.811   8.265   3.060   1.00 31.91 ? 19  LYS A O   1 
ATOM   126 C CB  . LYS A 1 19 ? 5.571   10.514  0.916   1.00 33.74 ? 19  LYS A CB  1 
ATOM   127 C CG  . LYS A 1 19 ? 5.873   11.337  -0.318  1.00 35.95 ? 19  LYS A CG  1 
ATOM   128 C CD  . LYS A 1 19 ? 4.577   11.858  -0.920  1.00 38.44 ? 19  LYS A CD  1 
ATOM   129 C CE  . LYS A 1 19 ? 3.794   12.692  0.085   1.00 40.53 ? 19  LYS A CE  1 
ATOM   130 N NZ  . LYS A 1 19 ? 2.353   12.806  -0.290  1.00 42.50 ? 19  LYS A NZ  1 
ATOM   131 N N   . ASN A 1 20 ? 6.704   10.097  4.016   1.00 34.44 ? 20  ASN A N   1 
ATOM   132 C CA  . ASN A 1 20 ? 6.395   9.655   5.377   1.00 35.13 ? 20  ASN A CA  1 
ATOM   133 C C   . ASN A 1 20 ? 4.948   9.916   5.797   1.00 35.77 ? 20  ASN A C   1 
ATOM   134 O O   . ASN A 1 20 ? 4.691   10.522  6.842   1.00 36.55 ? 20  ASN A O   1 
ATOM   135 C CB  . ASN A 1 20 ? 7.359   10.319  6.367   1.00 37.11 ? 20  ASN A CB  1 
ATOM   136 C CG  . ASN A 1 20 ? 7.227   9.766   7.779   1.00 37.75 ? 20  ASN A CG  1 
ATOM   137 O OD1 . ASN A 1 20 ? 7.091   8.558   7.982   1.00 38.31 ? 20  ASN A OD1 1 
ATOM   138 N ND2 . ASN A 1 20 ? 7.289   10.651  8.764   1.00 40.30 ? 20  ASN A ND2 1 
ATOM   139 N N   . ILE A 1 21 ? 4.008   9.427   4.989   1.00 33.13 ? 21  ILE A N   1 
ATOM   140 C CA  . ILE A 1 21 ? 2.576   9.596   5.236   1.00 29.38 ? 21  ILE A CA  1 
ATOM   141 C C   . ILE A 1 21 ? 2.108   9.005   6.570   1.00 28.87 ? 21  ILE A C   1 
ATOM   142 O O   . ILE A 1 21 ? 2.761   8.123   7.129   1.00 28.18 ? 21  ILE A O   1 
ATOM   143 C CB  . ILE A 1 21 ? 1.749   8.940   4.106   1.00 29.70 ? 21  ILE A CB  1 
ATOM   144 C CG1 . ILE A 1 21 ? 1.977   7.425   4.101   1.00 26.35 ? 21  ILE A CG1 1 
ATOM   145 C CG2 . ILE A 1 21 ? 2.150   9.529   2.750   1.00 28.56 ? 21  ILE A CG2 1 
ATOM   146 C CD1 . ILE A 1 21 ? 1.056   6.678   3.135   1.00 27.17 ? 21  ILE A CD1 1 
ATOM   147 N N   . ASP A 1 22 ? 0.976   9.484   7.080   1.00 27.52 ? 22  ASP A N   1 
ATOM   148 C CA  . ASP A 1 22 ? 0.456   8.965   8.341   1.00 28.11 ? 22  ASP A CA  1 
ATOM   149 C C   . ASP A 1 22 ? -0.448  7.757   8.079   1.00 26.25 ? 22  ASP A C   1 
ATOM   150 O O   . ASP A 1 22 ? -0.812  7.490   6.934   1.00 23.01 ? 22  ASP A O   1 
ATOM   151 C CB  . ASP A 1 22 ? -0.310  10.050  9.096   1.00 33.01 ? 22  ASP A CB  1 
ATOM   152 C CG  . ASP A 1 22 ? -1.509  10.555  8.334   1.00 35.66 ? 22  ASP A CG  1 
ATOM   153 O OD1 . ASP A 1 22 ? -1.850  9.967   7.288   1.00 40.73 ? 22  ASP A OD1 1 
ATOM   154 O OD2 . ASP A 1 22 ? -2.119  11.542  8.788   1.00 39.29 ? 22  ASP A OD2 1 
ATOM   155 N N   . GLY A 1 23 ? -0.808  7.041   9.142   1.00 24.48 ? 23  GLY A N   1 
ATOM   156 C CA  . GLY A 1 23 ? -1.639  5.852   9.007   1.00 24.26 ? 23  GLY A CA  1 
ATOM   157 C C   . GLY A 1 23 ? -2.978  6.083   8.340   1.00 24.06 ? 23  GLY A C   1 
ATOM   158 O O   . GLY A 1 23 ? -3.506  5.202   7.660   1.00 23.30 ? 23  GLY A O   1 
ATOM   159 N N   . ARG A 1 24 ? -3.523  7.275   8.549   1.00 23.64 ? 24  ARG A N   1 
ATOM   160 C CA  . ARG A 1 24 ? -4.804  7.693   7.991   1.00 25.23 ? 24  ARG A CA  1 
ATOM   161 C C   . ARG A 1 24 ? -4.763  7.601   6.467   1.00 24.11 ? 24  ARG A C   1 
ATOM   162 O O   . ARG A 1 24 ? -5.662  7.037   5.828   1.00 22.43 ? 24  ARG A O   1 
ATOM   163 C CB  . ARG A 1 24 ? -5.062  9.142   8.412   1.00 29.08 ? 24  ARG A CB  1 
ATOM   164 C CG  . ARG A 1 24 ? -6.501  9.568   8.525   1.00 34.77 ? 24  ARG A CG  1 
ATOM   165 C CD  . ARG A 1 24 ? -6.565  11.085  8.692   1.00 37.23 ? 24  ARG A CD  1 
ATOM   166 N NE  . ARG A 1 24 ? -5.510  11.579  9.572   1.00 41.05 ? 24  ARG A NE  1 
ATOM   167 C CZ  . ARG A 1 24 ? -4.646  12.534  9.245   1.00 41.66 ? 24  ARG A CZ  1 
ATOM   168 N NH1 . ARG A 1 24 ? -4.704  13.108  8.052   1.00 43.20 ? 24  ARG A NH1 1 
ATOM   169 N NH2 . ARG A 1 24 ? -3.715  12.908  10.112  1.00 43.55 ? 24  ARG A NH2 1 
ATOM   170 N N   . LYS A 1 25 ? -3.715  8.184   5.892   1.00 22.96 ? 25  LYS A N   1 
ATOM   171 C CA  . LYS A 1 25 ? -3.522  8.187   4.441   1.00 22.56 ? 25  LYS A CA  1 
ATOM   172 C C   . LYS A 1 25 ? -3.120  6.815   3.928   1.00 21.60 ? 25  LYS A C   1 
ATOM   173 O O   . LYS A 1 25 ? -3.546  6.396   2.858   1.00 22.70 ? 25  LYS A O   1 
ATOM   174 C CB  . LYS A 1 25 ? -2.446  9.196   4.044   1.00 24.61 ? 25  LYS A CB  1 
ATOM   175 C CG  . LYS A 1 25 ? -2.289  9.299   2.531   1.00 26.80 ? 25  LYS A CG  1 
ATOM   176 C CD  . LYS A 1 25 ? -1.275  10.329  2.105   1.00 29.20 ? 25  LYS A CD  1 
ATOM   177 C CE  . LYS A 1 25 ? -1.838  11.732  2.191   1.00 31.00 ? 25  LYS A CE  1 
ATOM   178 N NZ  . LYS A 1 25 ? -0.840  12.656  1.581   1.00 31.99 ? 25  LYS A NZ  1 
ATOM   179 N N   . LEU A 1 26 ? -2.289  6.119   4.703   1.00 20.38 ? 26  LEU A N   1 
ATOM   180 C CA  . LEU A 1 26 ? -1.839  4.778   4.331   1.00 19.72 ? 26  LEU A CA  1 
ATOM   181 C C   . LEU A 1 26 ? -3.053  3.871   4.174   1.00 19.40 ? 26  LEU A C   1 
ATOM   182 O O   . LEU A 1 26 ? -3.194  3.165   3.174   1.00 19.31 ? 26  LEU A O   1 
ATOM   183 C CB  . LEU A 1 26 ? -0.889  4.195   5.396   1.00 19.74 ? 26  LEU A CB  1 
ATOM   184 C CG  . LEU A 1 26 ? -0.460  2.731   5.191   1.00 20.66 ? 26  LEU A CG  1 
ATOM   185 C CD1 . LEU A 1 26 ? 0.120   2.570   3.793   1.00 19.67 ? 26  LEU A CD1 1 
ATOM   186 C CD2 . LEU A 1 26 ? 0.582   2.324   6.251   1.00 19.10 ? 26  LEU A CD2 1 
ATOM   187 N N   . ARG A 1 27 ? -3.936  3.904   5.168   1.00 20.07 ? 27  ARG A N   1 
ATOM   188 C CA  . ARG A 1 27 ? -5.149  3.097   5.147   1.00 20.33 ? 27  ARG A CA  1 
ATOM   189 C C   . ARG A 1 27 ? -6.021  3.494   3.949   1.00 20.15 ? 27  ARG A C   1 
ATOM   190 O O   . ARG A 1 27 ? -6.616  2.638   3.298   1.00 20.23 ? 27  ARG A O   1 
ATOM   191 C CB  . ARG A 1 27 ? -5.914  3.270   6.471   1.00 22.33 ? 27  ARG A CB  1 
ATOM   192 C CG  . ARG A 1 27 ? -6.722  2.050   6.902   1.00 28.05 ? 27  ARG A CG  1 
ATOM   193 C CD  . ARG A 1 27 ? -7.403  2.240   8.271   1.00 27.42 ? 27  ARG A CD  1 
ATOM   194 N NE  . ARG A 1 27 ? -6.457  2.364   9.384   1.00 31.21 ? 27  ARG A NE  1 
ATOM   195 C CZ  . ARG A 1 27 ? -5.874  1.346   10.009  1.00 30.16 ? 27  ARG A CZ  1 
ATOM   196 N NH1 . ARG A 1 27 ? -6.129  0.095   9.649   1.00 27.68 ? 27  ARG A NH1 1 
ATOM   197 N NH2 . ARG A 1 27 ? -5.027  1.579   10.999  1.00 35.51 ? 27  ARG A NH2 1 
ATOM   198 N N   . TYR A 1 28 ? -6.092  4.790   3.658   1.00 21.18 ? 28  TYR A N   1 
ATOM   199 C CA  . TYR A 1 28 ? -6.859  5.286   2.511   1.00 21.47 ? 28  TYR A CA  1 
ATOM   200 C C   . TYR A 1 28 ? -6.381  4.646   1.206   1.00 21.10 ? 28  TYR A C   1 
ATOM   201 O O   . TYR A 1 28 ? -7.183  4.173   0.393   1.00 20.35 ? 28  TYR A O   1 
ATOM   202 C CB  . TYR A 1 28 ? -6.702  6.804   2.388   1.00 25.76 ? 28  TYR A CB  1 
ATOM   203 C CG  . TYR A 1 28 ? -7.184  7.367   1.066   1.00 28.36 ? 28  TYR A CG  1 
ATOM   204 C CD1 . TYR A 1 28 ? -8.541  7.571   0.823   1.00 30.71 ? 28  TYR A CD1 1 
ATOM   205 C CD2 . TYR A 1 28 ? -6.281  7.672   0.047   1.00 29.57 ? 28  TYR A CD2 1 
ATOM   206 C CE1 . TYR A 1 28 ? -8.989  8.074   -0.408  1.00 32.43 ? 28  TYR A CE1 1 
ATOM   207 C CE2 . TYR A 1 28 ? -6.712  8.169   -1.179  1.00 33.13 ? 28  TYR A CE2 1 
ATOM   208 C CZ  . TYR A 1 28 ? -8.064  8.367   -1.404  1.00 34.28 ? 28  TYR A CZ  1 
ATOM   209 O OH  . TYR A 1 28 ? -8.479  8.849   -2.625  1.00 38.49 ? 28  TYR A OH  1 
ATOM   210 N N   . LEU A 1 29 ? -5.066  4.665   1.007   1.00 19.60 ? 29  LEU A N   1 
ATOM   211 C CA  . LEU A 1 29 ? -4.430  4.106   -0.186  1.00 19.24 ? 29  LEU A CA  1 
ATOM   212 C C   . LEU A 1 29 ? -4.686  2.607   -0.327  1.00 17.55 ? 29  LEU A C   1 
ATOM   213 O O   . LEU A 1 29 ? -4.985  2.118   -1.419  1.00 17.36 ? 29  LEU A O   1 
ATOM   214 C CB  . LEU A 1 29 ? -2.920  4.365   -0.142  1.00 20.53 ? 29  LEU A CB  1 
ATOM   215 C CG  . LEU A 1 29 ? -2.495  5.839   -0.158  1.00 21.90 ? 29  LEU A CG  1 
ATOM   216 C CD1 . LEU A 1 29 ? -0.977  5.952   -0.077  1.00 23.27 ? 29  LEU A CD1 1 
ATOM   217 C CD2 . LEU A 1 29 ? -3.014  6.504   -1.421  1.00 22.83 ? 29  LEU A CD2 1 
ATOM   218 N N   . LEU A 1 30 ? -4.565  1.881   0.778   1.00 17.28 ? 30  LEU A N   1 
ATOM   219 C CA  . LEU A 1 30 ? -4.794  0.444   0.760   1.00 18.88 ? 30  LEU A CA  1 
ATOM   220 C C   . LEU A 1 30 ? -6.215  0.157   0.264   1.00 17.95 ? 30  LEU A C   1 
ATOM   221 O O   . LEU A 1 30 ? -6.419  -0.680  -0.611  1.00 17.96 ? 30  LEU A O   1 
ATOM   222 C CB  . LEU A 1 30 ? -4.584  -0.146  2.161   1.00 18.82 ? 30  LEU A CB  1 
ATOM   223 C CG  . LEU A 1 30 ? -4.812  -1.655  2.320   1.00 21.64 ? 30  LEU A CG  1 
ATOM   224 C CD1 . LEU A 1 30 ? -3.891  -2.413  1.376   1.00 18.04 ? 30  LEU A CD1 1 
ATOM   225 C CD2 . LEU A 1 30 ? -4.561  -2.073  3.766   1.00 20.58 ? 30  LEU A CD2 1 
ATOM   226 N N   . HIS A 1 31 ? -7.198  0.861   0.815   1.00 17.87 ? 31  HIS A N   1 
ATOM   227 C CA  . HIS A 1 31 ? -8.581  0.646   0.405   1.00 19.70 ? 31  HIS A CA  1 
ATOM   228 C C   . HIS A 1 31 ? -8.842  1.050   -1.042  1.00 18.13 ? 31  HIS A C   1 
ATOM   229 O O   . HIS A 1 31 ? -9.689  0.459   -1.709  1.00 17.80 ? 31  HIS A O   1 
ATOM   230 C CB  . HIS A 1 31 ? -9.524  1.367   1.369   1.00 22.86 ? 31  HIS A CB  1 
ATOM   231 C CG  . HIS A 1 31 ? -9.557  0.748   2.732   1.00 26.76 ? 31  HIS A CG  1 
ATOM   232 N ND1 . HIS A 1 31 ? -10.187 -0.451  2.990   1.00 31.49 ? 31  HIS A ND1 1 
ATOM   233 C CD2 . HIS A 1 31 ? -8.961  1.112   3.894   1.00 28.96 ? 31  HIS A CD2 1 
ATOM   234 C CE1 . HIS A 1 31 ? -9.975  -0.801  4.246   1.00 32.76 ? 31  HIS A CE1 1 
ATOM   235 N NE2 . HIS A 1 31 ? -9.231  0.132   4.816   1.00 30.65 ? 31  HIS A NE2 1 
ATOM   236 N N   . LYS A 1 32 ? -8.105  2.044   -1.529  1.00 19.36 ? 32  LYS A N   1 
ATOM   237 C CA  . LYS A 1 32 ? -8.244  2.489   -2.914  1.00 20.25 ? 32  LYS A CA  1 
ATOM   238 C C   . LYS A 1 32 ? -7.861  1.362   -3.868  1.00 18.89 ? 32  LYS A C   1 
ATOM   239 O O   . LYS A 1 32 ? -8.396  1.262   -4.974  1.00 18.53 ? 32  LYS A O   1 
ATOM   240 C CB  . LYS A 1 32 ? -7.342  3.700   -3.174  1.00 23.77 ? 32  LYS A CB  1 
ATOM   241 C CG  . LYS A 1 32 ? -7.876  5.004   -2.610  1.00 28.67 ? 32  LYS A CG  1 
ATOM   242 C CD  . LYS A 1 32 ? -9.015  5.535   -3.468  1.00 30.90 ? 32  LYS A CD  1 
ATOM   243 C CE  . LYS A 1 32 ? -8.524  5.939   -4.855  1.00 33.84 ? 32  LYS A CE  1 
ATOM   244 N NZ  . LYS A 1 32 ? -9.637  6.409   -5.739  1.00 35.34 ? 32  LYS A NZ  1 
ATOM   245 N N   . LEU A 1 33 ? -6.939  0.508   -3.434  1.00 18.19 ? 33  LEU A N   1 
ATOM   246 C CA  . LEU A 1 33 ? -6.486  -0.612  -4.255  1.00 18.59 ? 33  LEU A CA  1 
ATOM   247 C C   . LEU A 1 33 ? -7.588  -1.630  -4.546  1.00 18.88 ? 33  LEU A C   1 
ATOM   248 O O   . LEU A 1 33 ? -7.431  -2.491  -5.420  1.00 18.34 ? 33  LEU A O   1 
ATOM   249 C CB  . LEU A 1 33 ? -5.291  -1.311  -3.588  1.00 19.80 ? 33  LEU A CB  1 
ATOM   250 C CG  . LEU A 1 33 ? -4.023  -0.457  -3.462  1.00 18.58 ? 33  LEU A CG  1 
ATOM   251 C CD1 . LEU A 1 33 ? -2.927  -1.222  -2.723  1.00 19.68 ? 33  LEU A CD1 1 
ATOM   252 C CD2 . LEU A 1 33 ? -3.550  -0.065  -4.853  1.00 20.69 ? 33  LEU A CD2 1 
ATOM   253 N N   . GLU A 1 34 ? -8.701  -1.543  -3.823  1.00 17.38 ? 34  GLU A N   1 
ATOM   254 C CA  . GLU A 1 34 ? -9.804  -2.469  -4.057  1.00 18.84 ? 34  GLU A CA  1 
ATOM   255 C C   . GLU A 1 34 ? -10.371 -2.279  -5.458  1.00 17.84 ? 34  GLU A C   1 
ATOM   256 O O   . GLU A 1 34 ? -10.942 -3.205  -6.031  1.00 18.46 ? 34  GLU A O   1 
ATOM   257 C CB  . GLU A 1 34 ? -10.929 -2.257  -3.036  1.00 18.95 ? 34  GLU A CB  1 
ATOM   258 C CG  . GLU A 1 34 ? -10.624 -2.765  -1.638  1.00 18.65 ? 34  GLU A CG  1 
ATOM   259 C CD  . GLU A 1 34 ? -10.715 -4.275  -1.534  1.00 18.71 ? 34  GLU A CD  1 
ATOM   260 O OE1 . GLU A 1 34 ? -9.948  -4.982  -2.229  1.00 17.13 ? 34  GLU A OE1 1 
ATOM   261 O OE2 . GLU A 1 34 ? -11.562 -4.759  -0.752  1.00 17.59 ? 34  GLU A OE2 1 
ATOM   262 N N   . ASN A 1 35 ? -10.204 -1.080  -6.009  1.00 19.62 ? 35  ASN A N   1 
ATOM   263 C CA  . ASN A 1 35 ? -10.728 -0.769  -7.337  1.00 19.86 ? 35  ASN A CA  1 
ATOM   264 C C   . ASN A 1 35 ? -9.673  -0.607  -8.420  1.00 21.45 ? 35  ASN A C   1 
ATOM   265 O O   . ASN A 1 35 ? -9.956  -0.088  -9.498  1.00 21.04 ? 35  ASN A O   1 
ATOM   266 C CB  . ASN A 1 35 ? -11.594 0.492   -7.261  1.00 21.94 ? 35  ASN A CB  1 
ATOM   267 C CG  . ASN A 1 35 ? -12.812 0.300   -6.384  1.00 23.91 ? 35  ASN A CG  1 
ATOM   268 O OD1 . ASN A 1 35 ? -12.996 0.995   -5.379  1.00 29.47 ? 35  ASN A OD1 1 
ATOM   269 N ND2 . ASN A 1 35 ? -13.649 -0.657  -6.753  1.00 20.75 ? 35  ASN A ND2 1 
ATOM   270 N N   . VAL A 1 36 ? -8.455  -1.054  -8.141  1.00 19.63 ? 36  VAL A N   1 
ATOM   271 C CA  . VAL A 1 36 ? -7.387  -0.953  -9.120  1.00 19.93 ? 36  VAL A CA  1 
ATOM   272 C C   . VAL A 1 36 ? -7.280  -2.270  -9.874  1.00 20.24 ? 36  VAL A C   1 
ATOM   273 O O   . VAL A 1 36 ? -7.188  -3.338  -9.270  1.00 20.31 ? 36  VAL A O   1 
ATOM   274 C CB  . VAL A 1 36 ? -6.040  -0.611  -8.442  1.00 19.92 ? 36  VAL A CB  1 
ATOM   275 C CG1 . VAL A 1 36 ? -4.903  -0.642  -9.461  1.00 21.03 ? 36  VAL A CG1 1 
ATOM   276 C CG2 . VAL A 1 36 ? -6.126  0.767   -7.812  1.00 18.92 ? 36  VAL A CG2 1 
ATOM   277 N N   . GLU A 1 37 ? -7.315  -2.183  -11.200 1.00 20.93 ? 37  GLU A N   1 
ATOM   278 C CA  . GLU A 1 37 ? -7.228  -3.360  -12.056 1.00 21.98 ? 37  GLU A CA  1 
ATOM   279 C C   . GLU A 1 37 ? -5.856  -3.467  -12.708 1.00 20.93 ? 37  GLU A C   1 
ATOM   280 O O   . GLU A 1 37 ? -5.422  -4.554  -13.080 1.00 18.85 ? 37  GLU A O   1 
ATOM   281 C CB  . GLU A 1 37 ? -8.300  -3.297  -13.149 1.00 26.17 ? 37  GLU A CB  1 
ATOM   282 C CG  . GLU A 1 37 ? -9.732  -3.267  -12.632 1.00 33.42 ? 37  GLU A CG  1 
ATOM   283 C CD  . GLU A 1 37 ? -10.075 -4.487  -11.800 1.00 38.71 ? 37  GLU A CD  1 
ATOM   284 O OE1 . GLU A 1 37 ? -9.735  -5.613  -12.225 1.00 41.46 ? 37  GLU A OE1 1 
ATOM   285 O OE2 . GLU A 1 37 ? -10.692 -4.326  -10.725 1.00 43.59 ? 37  GLU A OE2 1 
ATOM   286 N N   . ASN A 1 38 ? -5.173  -2.336  -12.845 1.00 20.18 ? 38  ASN A N   1 
ATOM   287 C CA  . ASN A 1 38 ? -3.851  -2.324  -13.457 1.00 21.58 ? 38  ASN A CA  1 
ATOM   288 C C   . ASN A 1 38 ? -3.108  -1.058  -13.077 1.00 22.71 ? 38  ASN A C   1 
ATOM   289 O O   . ASN A 1 38 ? -3.684  -0.145  -12.484 1.00 23.59 ? 38  ASN A O   1 
ATOM   290 C CB  . ASN A 1 38 ? -3.977  -2.400  -14.982 1.00 22.35 ? 38  ASN A CB  1 
ATOM   291 C CG  . ASN A 1 38 ? -4.707  -1.209  -15.565 1.00 22.68 ? 38  ASN A CG  1 
ATOM   292 O OD1 . ASN A 1 38 ? -4.224  -0.081  -15.497 1.00 25.21 ? 38  ASN A OD1 1 
ATOM   293 N ND2 . ASN A 1 38 ? -5.878  -1.452  -16.139 1.00 24.82 ? 38  ASN A ND2 1 
ATOM   294 N N   . VAL A 1 39 ? -1.824  -1.012  -13.408 1.00 21.76 ? 39  VAL A N   1 
ATOM   295 C CA  . VAL A 1 39 ? -1.006  0.155   -13.123 1.00 22.37 ? 39  VAL A CA  1 
ATOM   296 C C   . VAL A 1 39 ? -0.362  0.614   -14.417 1.00 22.15 ? 39  VAL A C   1 
ATOM   297 O O   . VAL A 1 39 ? 0.267   -0.178  -15.120 1.00 20.52 ? 39  VAL A O   1 
ATOM   298 C CB  . VAL A 1 39 ? 0.115   -0.159  -12.114 1.00 23.72 ? 39  VAL A CB  1 
ATOM   299 C CG1 . VAL A 1 39 ? 0.963   1.084   -11.886 1.00 24.44 ? 39  VAL A CG1 1 
ATOM   300 C CG2 . VAL A 1 39 ? -0.477  -0.640  -10.810 1.00 24.47 ? 39  VAL A CG2 1 
ATOM   301 N N   . ASP A 1 40 ? -0.524  1.893   -14.733 1.00 22.48 ? 40  ASP A N   1 
ATOM   302 C CA  . ASP A 1 40 ? 0.054   2.452   -15.948 1.00 22.72 ? 40  ASP A CA  1 
ATOM   303 C C   . ASP A 1 40 ? 1.584   2.394   -15.869 1.00 22.20 ? 40  ASP A C   1 
ATOM   304 O O   . ASP A 1 40 ? 2.168   2.531   -14.797 1.00 19.65 ? 40  ASP A O   1 
ATOM   305 C CB  . ASP A 1 40 ? -0.453  3.888   -16.128 1.00 29.16 ? 40  ASP A CB  1 
ATOM   306 C CG  . ASP A 1 40 ? 0.664   4.888   -16.288 1.00 33.43 ? 40  ASP A CG  1 
ATOM   307 O OD1 . ASP A 1 40 ? 1.091   5.135   -17.434 1.00 38.98 ? 40  ASP A OD1 1 
ATOM   308 O OD2 . ASP A 1 40 ? 1.122   5.422   -15.259 1.00 36.93 ? 40  ASP A OD2 1 
ATOM   309 N N   . ILE A 1 41 ? 2.230   2.184   -17.011 1.00 22.22 ? 41  ILE A N   1 
ATOM   310 C CA  . ILE A 1 41 ? 3.684   2.077   -17.071 1.00 24.11 ? 41  ILE A CA  1 
ATOM   311 C C   . ILE A 1 41 ? 4.436   3.271   -16.484 1.00 22.47 ? 41  ILE A C   1 
ATOM   312 O O   . ILE A 1 41 ? 5.446   3.095   -15.804 1.00 22.41 ? 41  ILE A O   1 
ATOM   313 C CB  . ILE A 1 41 ? 4.152   1.837   -18.535 1.00 26.74 ? 41  ILE A CB  1 
ATOM   314 C CG1 . ILE A 1 41 ? 3.619   0.492   -19.034 1.00 28.37 ? 41  ILE A CG1 1 
ATOM   315 C CG2 . ILE A 1 41 ? 5.660   1.879   -18.628 1.00 31.04 ? 41  ILE A CG2 1 
ATOM   316 C CD1 . ILE A 1 41 ? 3.861   -0.657  -18.088 1.00 28.67 ? 41  ILE A CD1 1 
ATOM   317 N N   . ASP A 1 42 ? 3.951   4.481   -16.739 1.00 21.86 ? 42  ASP A N   1 
ATOM   318 C CA  . ASP A 1 42 ? 4.623   5.666   -16.210 1.00 24.26 ? 42  ASP A CA  1 
ATOM   319 C C   . ASP A 1 42 ? 4.578   5.671   -14.684 1.00 21.76 ? 42  ASP A C   1 
ATOM   320 O O   . ASP A 1 42 ? 5.591   5.903   -14.024 1.00 20.94 ? 42  ASP A O   1 
ATOM   321 C CB  . ASP A 1 42 ? 3.973   6.951   -16.730 1.00 26.66 ? 42  ASP A CB  1 
ATOM   322 C CG  . ASP A 1 42 ? 4.748   8.194   -16.320 1.00 31.24 ? 42  ASP A CG  1 
ATOM   323 O OD1 . ASP A 1 42 ? 5.877   8.382   -16.826 1.00 31.59 ? 42  ASP A OD1 1 
ATOM   324 O OD2 . ASP A 1 42 ? 4.243   8.975   -15.485 1.00 32.66 ? 42  ASP A OD2 1 
ATOM   325 N N   . THR A 1 43 ? 3.395   5.421   -14.135 1.00 21.00 ? 43  THR A N   1 
ATOM   326 C CA  . THR A 1 43 ? 3.205   5.380   -12.691 1.00 20.43 ? 43  THR A CA  1 
ATOM   327 C C   . THR A 1 43 ? 4.094   4.309   -12.059 1.00 20.40 ? 43  THR A C   1 
ATOM   328 O O   . THR A 1 43 ? 4.685   4.536   -11.009 1.00 20.92 ? 43  THR A O   1 
ATOM   329 C CB  . THR A 1 43 ? 1.733   5.081   -12.335 1.00 20.84 ? 43  THR A CB  1 
ATOM   330 O OG1 . THR A 1 43 ? 0.895   6.116   -12.868 1.00 21.59 ? 43  THR A OG1 1 
ATOM   331 C CG2 . THR A 1 43 ? 1.544   5.011   -10.822 1.00 20.14 ? 43  THR A CG2 1 
ATOM   332 N N   . LEU A 1 44 ? 4.192   3.147   -12.702 1.00 19.40 ? 44  LEU A N   1 
ATOM   333 C CA  . LEU A 1 44 ? 5.019   2.061   -12.179 1.00 18.85 ? 44  LEU A CA  1 
ATOM   334 C C   . LEU A 1 44 ? 6.487   2.476   -12.147 1.00 19.49 ? 44  LEU A C   1 
ATOM   335 O O   . LEU A 1 44 ? 7.185   2.248   -11.156 1.00 17.54 ? 44  LEU A O   1 
ATOM   336 C CB  . LEU A 1 44 ? 4.860   0.800   -13.039 1.00 18.97 ? 44  LEU A CB  1 
ATOM   337 C CG  . LEU A 1 44 ? 5.605   -0.461  -12.577 1.00 19.34 ? 44  LEU A CG  1 
ATOM   338 C CD1 . LEU A 1 44 ? 4.988   -0.988  -11.292 1.00 19.10 ? 44  LEU A CD1 1 
ATOM   339 C CD2 . LEU A 1 44 ? 5.533   -1.529  -13.670 1.00 19.88 ? 44  LEU A CD2 1 
ATOM   340 N N   . ARG A 1 45 ? 6.964   3.086   -13.227 1.00 18.68 ? 45  ARG A N   1 
ATOM   341 C CA  . ARG A 1 45 ? 8.356   3.515   -13.260 1.00 19.64 ? 45  ARG A CA  1 
ATOM   342 C C   . ARG A 1 45 ? 8.630   4.502   -12.124 1.00 19.47 ? 45  ARG A C   1 
ATOM   343 O O   . ARG A 1 45 ? 9.617   4.365   -11.400 1.00 18.21 ? 45  ARG A O   1 
ATOM   344 C CB  . ARG A 1 45 ? 8.697   4.164   -14.605 1.00 21.49 ? 45  ARG A CB  1 
ATOM   345 C CG  . ARG A 1 45 ? 10.134  4.692   -14.672 1.00 25.94 ? 45  ARG A CG  1 
ATOM   346 C CD  . ARG A 1 45 ? 10.394  5.408   -15.983 1.00 26.79 ? 45  ARG A CD  1 
ATOM   347 N NE  . ARG A 1 45 ? 9.447   6.498   -16.201 1.00 32.52 ? 45  ARG A NE  1 
ATOM   348 C CZ  . ARG A 1 45 ? 9.457   7.648   -15.535 1.00 33.96 ? 45  ARG A CZ  1 
ATOM   349 N NH1 . ARG A 1 45 ? 10.373  7.870   -14.602 1.00 37.39 ? 45  ARG A NH1 1 
ATOM   350 N NH2 . ARG A 1 45 ? 8.546   8.578   -15.800 1.00 37.04 ? 45  ARG A NH2 1 
ATOM   351 N N   . ARG A 1 46 ? 7.752   5.489   -11.963 1.00 18.37 ? 46  ARG A N   1 
ATOM   352 C CA  . ARG A 1 46 ? 7.929   6.481   -10.907 1.00 21.50 ? 46  ARG A CA  1 
ATOM   353 C C   . ARG A 1 46 ? 7.952   5.843   -9.517  1.00 19.89 ? 46  ARG A C   1 
ATOM   354 O O   . ARG A 1 46 ? 8.785   6.190   -8.687  1.00 19.72 ? 46  ARG A O   1 
ATOM   355 C CB  . ARG A 1 46 ? 6.819   7.532   -10.973 1.00 23.06 ? 46  ARG A CB  1 
ATOM   356 C CG  . ARG A 1 46 ? 6.901   8.447   -12.183 1.00 27.21 ? 46  ARG A CG  1 
ATOM   357 C CD  . ARG A 1 46 ? 5.623   9.265   -12.337 1.00 29.91 ? 46  ARG A CD  1 
ATOM   358 N NE  . ARG A 1 46 ? 5.618   10.056  -13.566 1.00 35.27 ? 46  ARG A NE  1 
ATOM   359 C CZ  . ARG A 1 46 ? 6.133   11.280  -13.682 1.00 37.18 ? 46  ARG A CZ  1 
ATOM   360 N NH1 . ARG A 1 46 ? 6.697   11.874  -12.637 1.00 38.03 ? 46  ARG A NH1 1 
ATOM   361 N NH2 . ARG A 1 46 ? 6.089   11.909  -14.848 1.00 37.80 ? 46  ARG A NH2 1 
ATOM   362 N N   . ALA A 1 47 ? 7.043   4.907   -9.263  1.00 19.49 ? 47  ALA A N   1 
ATOM   363 C CA  . ALA A 1 47 ? 6.997   4.243   -7.961  1.00 18.91 ? 47  ALA A CA  1 
ATOM   364 C C   . ALA A 1 47 ? 8.249   3.401   -7.727  1.00 18.99 ? 47  ALA A C   1 
ATOM   365 O O   . ALA A 1 47 ? 8.780   3.347   -6.614  1.00 18.34 ? 47  ALA A O   1 
ATOM   366 C CB  . ALA A 1 47 ? 5.733   3.371   -7.855  1.00 16.55 ? 47  ALA A CB  1 
ATOM   367 N N   . ILE A 1 48 ? 8.732   2.743   -8.778  1.00 19.66 ? 48  ILE A N   1 
ATOM   368 C CA  . ILE A 1 48 ? 9.926   1.914   -8.652  1.00 20.78 ? 48  ILE A CA  1 
ATOM   369 C C   . ILE A 1 48 ? 11.180  2.750   -8.424  1.00 22.09 ? 48  ILE A C   1 
ATOM   370 O O   . ILE A 1 48 ? 12.033  2.398   -7.605  1.00 22.60 ? 48  ILE A O   1 
ATOM   371 C CB  . ILE A 1 48 ? 10.144  1.042   -9.909  1.00 20.33 ? 48  ILE A CB  1 
ATOM   372 C CG1 . ILE A 1 48 ? 9.097   -0.076  -9.958  1.00 21.26 ? 48  ILE A CG1 1 
ATOM   373 C CG2 . ILE A 1 48 ? 11.551  0.440   -9.887  1.00 23.44 ? 48  ILE A CG2 1 
ATOM   374 C CD1 . ILE A 1 48 ? 9.166   -0.926  -11.220 1.00 21.65 ? 48  ILE A CD1 1 
ATOM   375 N N   . GLU A 1 49 ? 11.289  3.861   -9.144  1.00 23.64 ? 49  GLU A N   1 
ATOM   376 C CA  . GLU A 1 49 ? 12.458  4.724   -9.028  1.00 25.64 ? 49  GLU A CA  1 
ATOM   377 C C   . GLU A 1 49 ? 12.489  5.591   -7.772  1.00 25.92 ? 49  GLU A C   1 
ATOM   378 O O   . GLU A 1 49 ? 13.552  6.051   -7.360  1.00 27.29 ? 49  GLU A O   1 
ATOM   379 C CB  . GLU A 1 49 ? 12.582  5.597   -10.285 1.00 26.95 ? 49  GLU A CB  1 
ATOM   380 C CG  . GLU A 1 49 ? 12.678  4.763   -11.565 1.00 28.67 ? 49  GLU A CG  1 
ATOM   381 C CD  . GLU A 1 49 ? 13.095  5.558   -12.791 1.00 29.46 ? 49  GLU A CD  1 
ATOM   382 O OE1 . GLU A 1 49 ? 12.568  6.671   -12.995 1.00 30.25 ? 49  GLU A OE1 1 
ATOM   383 O OE2 . GLU A 1 49 ? 13.936  5.054   -13.565 1.00 28.13 ? 49  GLU A OE2 1 
ATOM   384 N N   . ALA A 1 50 ? 11.334  5.798   -7.151  1.00 25.31 ? 50  ALA A N   1 
ATOM   385 C CA  . ALA A 1 50 ? 11.266  6.613   -5.944  1.00 25.40 ? 50  ALA A CA  1 
ATOM   386 C C   . ALA A 1 50 ? 11.981  5.925   -4.788  1.00 25.96 ? 50  ALA A C   1 
ATOM   387 O O   . ALA A 1 50 ? 11.956  4.693   -4.674  1.00 24.70 ? 50  ALA A O   1 
ATOM   388 C CB  . ALA A 1 50 ? 9.812   6.883   -5.578  1.00 25.49 ? 50  ALA A CB  1 
ATOM   389 N N   . GLU A 1 51 ? 12.627  6.718   -3.936  1.00 25.89 ? 51  GLU A N   1 
ATOM   390 C CA  . GLU A 1 51 ? 13.333  6.172   -2.786  1.00 27.78 ? 51  GLU A CA  1 
ATOM   391 C C   . GLU A 1 51 ? 12.310  5.901   -1.690  1.00 26.90 ? 51  GLU A C   1 
ATOM   392 O O   . GLU A 1 51 ? 11.824  6.820   -1.033  1.00 27.67 ? 51  GLU A O   1 
ATOM   393 C CB  . GLU A 1 51 ? 14.388  7.154   -2.270  1.00 30.51 ? 51  GLU A CB  1 
ATOM   394 C CG  . GLU A 1 51 ? 15.341  6.525   -1.267  1.00 33.50 ? 51  GLU A CG  1 
ATOM   395 C CD  . GLU A 1 51 ? 16.322  7.517   -0.676  1.00 37.69 ? 51  GLU A CD  1 
ATOM   396 O OE1 . GLU A 1 51 ? 16.491  8.612   -1.258  1.00 38.72 ? 51  GLU A OE1 1 
ATOM   397 O OE2 . GLU A 1 51 ? 16.934  7.195   0.370   1.00 38.65 ? 51  GLU A OE2 1 
ATOM   398 N N   . LYS A 1 52 ? 11.990  4.629   -1.506  1.00 27.78 ? 52  LYS A N   1 
ATOM   399 C CA  . LYS A 1 52 ? 11.009  4.206   -0.516  1.00 28.45 ? 52  LYS A CA  1 
ATOM   400 C C   . LYS A 1 52 ? 11.703  3.934   0.817   1.00 29.80 ? 52  LYS A C   1 
ATOM   401 O O   . LYS A 1 52 ? 11.933  2.784   1.199   1.00 30.38 ? 52  LYS A O   1 
ATOM   402 C CB  . LYS A 1 52 ? 10.287  2.969   -1.061  1.00 27.72 ? 52  LYS A CB  1 
ATOM   403 C CG  . LYS A 1 52 ? 9.535   3.280   -2.365  1.00 25.29 ? 52  LYS A CG  1 
ATOM   404 C CD  . LYS A 1 52 ? 9.125   2.039   -3.156  1.00 23.25 ? 52  LYS A CD  1 
ATOM   405 C CE  . LYS A 1 52 ? 10.286  1.462   -3.956  1.00 25.51 ? 52  LYS A CE  1 
ATOM   406 N NZ  . LYS A 1 52 ? 10.751  2.377   -5.041  1.00 23.56 ? 52  LYS A NZ  1 
ATOM   407 N N   . LYS A 1 53 ? 12.021  5.019   1.523   1.00 29.29 ? 53  LYS A N   1 
ATOM   408 C CA  . LYS A 1 53 ? 12.731  4.947   2.794   1.00 31.21 ? 53  LYS A CA  1 
ATOM   409 C C   . LYS A 1 53 ? 11.911  5.178   4.061   1.00 30.78 ? 53  LYS A C   1 
ATOM   410 O O   . LYS A 1 53 ? 12.452  5.081   5.162   1.00 32.73 ? 53  LYS A O   1 
ATOM   411 C CB  . LYS A 1 53 ? 13.891  5.944   2.780   1.00 32.29 ? 53  LYS A CB  1 
ATOM   412 C CG  . LYS A 1 53 ? 13.442  7.393   2.647   1.00 34.73 ? 53  LYS A CG  1 
ATOM   413 C CD  . LYS A 1 53 ? 14.636  8.330   2.576   1.00 38.06 ? 53  LYS A CD  1 
ATOM   414 C CE  . LYS A 1 53 ? 14.201  9.771   2.378   1.00 38.38 ? 53  LYS A CE  1 
ATOM   415 N NZ  . LYS A 1 53 ? 15.376  10.677  2.233   1.00 40.01 ? 53  LYS A NZ  1 
ATOM   416 N N   . TYR A 1 54 ? 10.626  5.496   3.927   1.00 29.14 ? 54  TYR A N   1 
ATOM   417 C CA  . TYR A 1 54 ? 9.798   5.718   5.109   1.00 29.59 ? 54  TYR A CA  1 
ATOM   418 C C   . TYR A 1 54 ? 9.020   4.470   5.510   1.00 28.80 ? 54  TYR A C   1 
ATOM   419 O O   . TYR A 1 54 ? 8.165   3.992   4.761   1.00 27.75 ? 54  TYR A O   1 
ATOM   420 C CB  . TYR A 1 54 ? 8.831   6.874   4.869   1.00 30.14 ? 54  TYR A CB  1 
ATOM   421 C CG  . TYR A 1 54 ? 9.527   8.197   4.674   1.00 34.07 ? 54  TYR A CG  1 
ATOM   422 C CD1 . TYR A 1 54 ? 10.234  8.797   5.718   1.00 34.22 ? 54  TYR A CD1 1 
ATOM   423 C CD2 . TYR A 1 54 ? 9.496   8.843   3.439   1.00 34.60 ? 54  TYR A CD2 1 
ATOM   424 C CE1 . TYR A 1 54 ? 10.895  10.011  5.534   1.00 36.63 ? 54  TYR A CE1 1 
ATOM   425 C CE2 . TYR A 1 54 ? 10.151  10.053  3.245   1.00 36.90 ? 54  TYR A CE2 1 
ATOM   426 C CZ  . TYR A 1 54 ? 10.849  10.632  4.295   1.00 36.87 ? 54  TYR A CZ  1 
ATOM   427 O OH  . TYR A 1 54 ? 11.506  11.824  4.096   1.00 38.64 ? 54  TYR A OH  1 
ATOM   428 N N   . LYS A 1 55 ? 9.323   3.945   6.694   1.00 27.28 ? 55  LYS A N   1 
ATOM   429 C CA  . LYS A 1 55 ? 8.647   2.755   7.203   1.00 27.98 ? 55  LYS A CA  1 
ATOM   430 C C   . LYS A 1 55 ? 7.333   3.162   7.859   1.00 27.47 ? 55  LYS A C   1 
ATOM   431 O O   . LYS A 1 55 ? 7.342   3.868   8.862   1.00 27.33 ? 55  LYS A O   1 
ATOM   432 C CB  . LYS A 1 55 ? 9.530   2.036   8.233   1.00 29.04 ? 55  LYS A CB  1 
ATOM   433 C CG  . LYS A 1 55 ? 8.860   0.831   8.897   1.00 31.99 ? 55  LYS A CG  1 
ATOM   434 C CD  . LYS A 1 55 ? 9.752   0.163   9.945   1.00 34.95 ? 55  LYS A CD  1 
ATOM   435 C CE  . LYS A 1 55 ? 9.889   1.000   11.225  1.00 37.23 ? 55  LYS A CE  1 
ATOM   436 N NZ  . LYS A 1 55 ? 8.648   1.051   12.060  1.00 35.27 ? 55  LYS A NZ  1 
ATOM   437 N N   . ARG A 1 56 ? 6.210   2.721   7.290   1.00 25.49 ? 56  ARG A N   1 
ATOM   438 C CA  . ARG A 1 56 ? 4.888   3.036   7.836   1.00 24.87 ? 56  ARG A CA  1 
ATOM   439 C C   . ARG A 1 56 ? 4.107   1.741   8.050   1.00 24.57 ? 56  ARG A C   1 
ATOM   440 O O   . ARG A 1 56 ? 4.030   0.897   7.155   1.00 23.24 ? 56  ARG A O   1 
ATOM   441 C CB  . ARG A 1 56 ? 4.106   3.944   6.879   1.00 26.86 ? 56  ARG A CB  1 
ATOM   442 C CG  . ARG A 1 56 ? 4.915   5.091   6.281   1.00 32.51 ? 56  ARG A CG  1 
ATOM   443 C CD  . ARG A 1 56 ? 5.635   5.872   7.363   1.00 35.02 ? 56  ARG A CD  1 
ATOM   444 N NE  . ARG A 1 56 ? 4.725   6.631   8.215   1.00 36.91 ? 56  ARG A NE  1 
ATOM   445 C CZ  . ARG A 1 56 ? 5.037   7.064   9.432   1.00 38.29 ? 56  ARG A CZ  1 
ATOM   446 N NH1 . ARG A 1 56 ? 6.234   6.803   9.939   1.00 40.92 ? 56  ARG A NH1 1 
ATOM   447 N NH2 . ARG A 1 56 ? 4.163   7.766   10.138  1.00 38.71 ? 56  ARG A NH2 1 
ATOM   448 N N   . SER A 1 57 ? 3.518   1.587   9.231   1.00 23.63 ? 57  SER A N   1 
ATOM   449 C CA  . SER A 1 57 ? 2.767   0.375   9.541   1.00 22.10 ? 57  SER A CA  1 
ATOM   450 C C   . SER A 1 57 ? 1.374   0.659   10.074  1.00 21.79 ? 57  SER A C   1 
ATOM   451 O O   . SER A 1 57 ? 1.113   1.721   10.637  1.00 20.13 ? 57  SER A O   1 
ATOM   452 C CB  . SER A 1 57 ? 3.506   -0.463  10.590  1.00 22.98 ? 57  SER A CB  1 
ATOM   453 O OG  . SER A 1 57 ? 4.842   -0.729  10.218  1.00 24.44 ? 57  SER A OG  1 
ATOM   454 N N   . ILE A 1 58 ? 0.482   -0.309  9.889   1.00 20.41 ? 58  ILE A N   1 
ATOM   455 C CA  . ILE A 1 58 ? -0.878  -0.218  10.399  1.00 19.80 ? 58  ILE A CA  1 
ATOM   456 C C   . ILE A 1 58 ? -1.317  -1.602  10.847  1.00 18.53 ? 58  ILE A C   1 
ATOM   457 O O   . ILE A 1 58 ? -0.916  -2.610  10.261  1.00 16.97 ? 58  ILE A O   1 
ATOM   458 C CB  . ILE A 1 58 ? -1.892  0.297   9.337   1.00 21.26 ? 58  ILE A CB  1 
ATOM   459 C CG1 . ILE A 1 58 ? -1.750  -0.494  8.034   1.00 21.72 ? 58  ILE A CG1 1 
ATOM   460 C CG2 . ILE A 1 58 ? -1.693  1.785   9.102   1.00 22.67 ? 58  ILE A CG2 1 
ATOM   461 C CD1 . ILE A 1 58 ? -2.756  -0.072  6.970   1.00 25.87 ? 58  ILE A CD1 1 
ATOM   462 N N   . THR A 1 59 ? -2.112  -1.650  11.911  1.00 17.19 ? 59  THR A N   1 
ATOM   463 C CA  . THR A 1 59 ? -2.634  -2.917  12.404  1.00 16.23 ? 59  THR A CA  1 
ATOM   464 C C   . THR A 1 59 ? -3.873  -3.138  11.547  1.00 16.47 ? 59  THR A C   1 
ATOM   465 O O   . THR A 1 59 ? -4.715  -2.253  11.431  1.00 13.94 ? 59  THR A O   1 
ATOM   466 C CB  . THR A 1 59 ? -3.011  -2.824  13.882  1.00 17.35 ? 59  THR A CB  1 
ATOM   467 O OG1 . THR A 1 59 ? -1.858  -2.417  14.630  1.00 18.28 ? 59  THR A OG1 1 
ATOM   468 C CG2 . THR A 1 59 ? -3.489  -4.180  14.392  1.00 17.03 ? 59  THR A CG2 1 
ATOM   469 N N   . LEU A 1 60 ? -3.982  -4.317  10.947  1.00 16.41 ? 60  LEU A N   1 
ATOM   470 C CA  . LEU A 1 60 ? -5.087  -4.600  10.037  1.00 17.51 ? 60  LEU A CA  1 
ATOM   471 C C   . LEU A 1 60 ? -6.399  -5.077  10.636  1.00 15.83 ? 60  LEU A C   1 
ATOM   472 O O   . LEU A 1 60 ? -6.419  -5.825  11.613  1.00 17.52 ? 60  LEU A O   1 
ATOM   473 C CB  . LEU A 1 60 ? -4.632  -5.634  8.998   1.00 17.98 ? 60  LEU A CB  1 
ATOM   474 C CG  . LEU A 1 60 ? -3.284  -5.370  8.320   1.00 20.51 ? 60  LEU A CG  1 
ATOM   475 C CD1 . LEU A 1 60 ? -2.856  -6.594  7.525   1.00 20.80 ? 60  LEU A CD1 1 
ATOM   476 C CD2 . LEU A 1 60 ? -3.397  -4.153  7.423   1.00 21.25 ? 60  LEU A CD2 1 
ATOM   477 N N   . THR A 1 61 ? -7.493  -4.622  10.037  1.00 15.28 ? 61  THR A N   1 
ATOM   478 C CA  . THR A 1 61 ? -8.823  -5.061  10.425  1.00 17.99 ? 61  THR A CA  1 
ATOM   479 C C   . THR A 1 61 ? -8.967  -6.319  9.581   1.00 16.84 ? 61  THR A C   1 
ATOM   480 O O   . THR A 1 61 ? -8.140  -6.573  8.706   1.00 14.24 ? 61  THR A O   1 
ATOM   481 C CB  . THR A 1 61 ? -9.924  -4.074  9.993   1.00 18.05 ? 61  THR A CB  1 
ATOM   482 O OG1 . THR A 1 61 ? -9.863  -3.883  8.577   1.00 18.20 ? 61  THR A OG1 1 
ATOM   483 C CG2 . THR A 1 61 ? -9.754  -2.738  10.694  1.00 18.91 ? 61  THR A CG2 1 
ATOM   484 N N   . GLU A 1 62 ? -10.008 -7.102  9.833   1.00 18.57 ? 62  GLU A N   1 
ATOM   485 C CA  . GLU A 1 62 ? -10.238 -8.333  9.080   1.00 21.41 ? 62  GLU A CA  1 
ATOM   486 C C   . GLU A 1 62 ? -10.382 -8.046  7.581   1.00 21.06 ? 62  GLU A C   1 
ATOM   487 O O   . GLU A 1 62 ? -9.896  -8.801  6.737   1.00 20.11 ? 62  GLU A O   1 
ATOM   488 C CB  . GLU A 1 62 ? -11.511 -9.009  9.593   1.00 25.57 ? 62  GLU A CB  1 
ATOM   489 C CG  . GLU A 1 62 ? -11.648 -10.470 9.241   1.00 33.25 ? 62  GLU A CG  1 
ATOM   490 C CD  . GLU A 1 62 ? -13.015 -11.020 9.615   1.00 37.59 ? 62  GLU A CD  1 
ATOM   491 O OE1 . GLU A 1 62 ? -13.665 -10.447 10.520  1.00 40.85 ? 62  GLU A OE1 1 
ATOM   492 O OE2 . GLU A 1 62 ? -13.434 -12.028 9.009   1.00 41.29 ? 62  GLU A OE2 1 
ATOM   493 N N   . GLU A 1 63 ? -11.056 -6.951  7.253   1.00 19.65 ? 63  GLU A N   1 
ATOM   494 C CA  . GLU A 1 63 ? -11.263 -6.581  5.857   1.00 20.81 ? 63  GLU A CA  1 
ATOM   495 C C   . GLU A 1 63 ? -9.939  -6.250  5.168   1.00 19.98 ? 63  GLU A C   1 
ATOM   496 O O   . GLU A 1 63 ? -9.733  -6.586  4.004   1.00 19.08 ? 63  GLU A O   1 
ATOM   497 C CB  . GLU A 1 63 ? -12.206 -5.377  5.757   1.00 22.17 ? 63  GLU A CB  1 
ATOM   498 C CG  . GLU A 1 63 ? -13.660 -5.650  6.140   1.00 27.58 ? 63  GLU A CG  1 
ATOM   499 C CD  . GLU A 1 63 ? -13.842 -5.957  7.616   1.00 30.69 ? 63  GLU A CD  1 
ATOM   500 O OE1 . GLU A 1 63 ? -13.133 -5.346  8.447   1.00 30.95 ? 63  GLU A OE1 1 
ATOM   501 O OE2 . GLU A 1 63 ? -14.705 -6.797  7.947   1.00 31.13 ? 63  GLU A OE2 1 
ATOM   502 N N   . GLU A 1 64 ? -9.041  -5.595  5.894   1.00 18.57 ? 64  GLU A N   1 
ATOM   503 C CA  . GLU A 1 64 ? -7.745  -5.227  5.346   1.00 18.45 ? 64  GLU A CA  1 
ATOM   504 C C   . GLU A 1 64 ? -6.818  -6.436  5.217   1.00 18.69 ? 64  GLU A C   1 
ATOM   505 O O   . GLU A 1 64 ? -5.986  -6.495  4.312   1.00 17.67 ? 64  GLU A O   1 
ATOM   506 C CB  . GLU A 1 64 ? -7.115  -4.136  6.219   1.00 18.91 ? 64  GLU A CB  1 
ATOM   507 C CG  . GLU A 1 64 ? -8.027  -2.920  6.329   1.00 19.39 ? 64  GLU A CG  1 
ATOM   508 C CD  . GLU A 1 64 ? -7.531  -1.858  7.295   1.00 20.69 ? 64  GLU A CD  1 
ATOM   509 O OE1 . GLU A 1 64 ? -6.835  -2.198  8.274   1.00 15.79 ? 64  GLU A OE1 1 
ATOM   510 O OE2 . GLU A 1 64 ? -7.865  -0.673  7.079   1.00 21.08 ? 64  GLU A OE2 1 
ATOM   511 N N   . GLU A 1 65 ? -6.966  -7.403  6.116   1.00 18.68 ? 65  GLU A N   1 
ATOM   512 C CA  . GLU A 1 65 ? -6.148  -8.610  6.057   1.00 19.70 ? 65  GLU A CA  1 
ATOM   513 C C   . GLU A 1 65 ? -6.346  -9.320  4.715   1.00 18.32 ? 65  GLU A C   1 
ATOM   514 O O   . GLU A 1 65 ? -5.380  -9.750  4.090   1.00 17.33 ? 65  GLU A O   1 
ATOM   515 C CB  . GLU A 1 65 ? -6.513  -9.580  7.191   1.00 21.11 ? 65  GLU A CB  1 
ATOM   516 C CG  . GLU A 1 65 ? -6.343  -9.033  8.605   1.00 22.64 ? 65  GLU A CG  1 
ATOM   517 C CD  . GLU A 1 65 ? -6.695  -10.067 9.669   1.00 26.26 ? 65  GLU A CD  1 
ATOM   518 O OE1 . GLU A 1 65 ? -7.626  -10.865 9.432   1.00 27.89 ? 65  GLU A OE1 1 
ATOM   519 O OE2 . GLU A 1 65 ? -6.055  -10.079 10.745  1.00 25.35 ? 65  GLU A OE2 1 
ATOM   520 N N   . VAL A 1 66 ? -7.592  -9.445  4.263   1.00 17.14 ? 66  VAL A N   1 
ATOM   521 C CA  . VAL A 1 66 ? -7.837  -10.131 2.995   1.00 16.23 ? 66  VAL A CA  1 
ATOM   522 C C   . VAL A 1 66 ? -7.325  -9.353  1.785   1.00 17.61 ? 66  VAL A C   1 
ATOM   523 O O   . VAL A 1 66 ? -6.955  -9.950  0.773   1.00 15.75 ? 66  VAL A O   1 
ATOM   524 C CB  . VAL A 1 66 ? -9.333  -10.491 2.815   1.00 18.29 ? 66  VAL A CB  1 
ATOM   525 C CG1 . VAL A 1 66 ? -9.754  -11.476 3.914   1.00 17.62 ? 66  VAL A CG1 1 
ATOM   526 C CG2 . VAL A 1 66 ? -10.193 -9.240  2.856   1.00 17.50 ? 66  VAL A CG2 1 
ATOM   527 N N   . ILE A 1 67 ? -7.298  -8.023  1.886   1.00 16.63 ? 67  ILE A N   1 
ATOM   528 C CA  . ILE A 1 67 ? -6.770  -7.204  0.798   1.00 17.72 ? 67  ILE A CA  1 
ATOM   529 C C   . ILE A 1 67 ? -5.270  -7.476  0.710   1.00 18.02 ? 67  ILE A C   1 
ATOM   530 O O   . ILE A 1 67 ? -4.723  -7.654  -0.376  1.00 17.43 ? 67  ILE A O   1 
ATOM   531 C CB  . ILE A 1 67 ? -6.948  -5.687  1.057   1.00 19.15 ? 67  ILE A CB  1 
ATOM   532 C CG1 . ILE A 1 67 ? -8.429  -5.322  1.129   1.00 20.52 ? 67  ILE A CG1 1 
ATOM   533 C CG2 . ILE A 1 67 ? -6.262  -4.894  -0.053  1.00 18.77 ? 67  ILE A CG2 1 
ATOM   534 C CD1 . ILE A 1 67 ? -8.668  -3.856  1.524   1.00 20.98 ? 67  ILE A CD1 1 
ATOM   535 N N   . ILE A 1 68 ? -4.611  -7.501  1.866   1.00 18.14 ? 68  ILE A N   1 
ATOM   536 C CA  . ILE A 1 68 ? -3.174  -7.762  1.938   1.00 19.17 ? 68  ILE A CA  1 
ATOM   537 C C   . ILE A 1 68 ? -2.853  -9.155  1.397   1.00 18.48 ? 68  ILE A C   1 
ATOM   538 O O   . ILE A 1 68 ? -1.869  -9.345  0.679   1.00 16.93 ? 68  ILE A O   1 
ATOM   539 C CB  . ILE A 1 68 ? -2.669  -7.658  3.394   1.00 22.25 ? 68  ILE A CB  1 
ATOM   540 C CG1 . ILE A 1 68 ? -2.746  -6.205  3.871   1.00 23.76 ? 68  ILE A CG1 1 
ATOM   541 C CG2 . ILE A 1 68 ? -1.240  -8.182  3.500   1.00 25.15 ? 68  ILE A CG2 1 
ATOM   542 C CD1 . ILE A 1 68 ? -1.875  -5.253  3.088   1.00 23.30 ? 68  ILE A CD1 1 
ATOM   543 N N   . GLN A 1 69 ? -3.684  -10.130 1.751   1.00 17.42 ? 69  GLN A N   1 
ATOM   544 C CA  . GLN A 1 69 ? -3.495  -11.502 1.288   1.00 18.22 ? 69  GLN A CA  1 
ATOM   545 C C   . GLN A 1 69 ? -3.700  -11.605 -0.224  1.00 18.29 ? 69  GLN A C   1 
ATOM   546 O O   . GLN A 1 69 ? -2.995  -12.346 -0.902  1.00 18.68 ? 69  GLN A O   1 
ATOM   547 C CB  . GLN A 1 69 ? -4.458  -12.436 2.031   1.00 20.51 ? 69  GLN A CB  1 
ATOM   548 C CG  . GLN A 1 69 ? -4.122  -12.557 3.520   1.00 26.05 ? 69  GLN A CG  1 
ATOM   549 C CD  . GLN A 1 69 ? -5.110  -13.403 4.304   1.00 28.01 ? 69  GLN A CD  1 
ATOM   550 O OE1 . GLN A 1 69 ? -6.303  -13.108 4.347   1.00 28.91 ? 69  GLN A OE1 1 
ATOM   551 N NE2 . GLN A 1 69 ? -4.610  -14.456 4.940   1.00 31.45 ? 69  GLN A NE2 1 
ATOM   552 N N   . ARG A 1 70 ? -4.670  -10.859 -0.749  1.00 17.22 ? 70  ARG A N   1 
ATOM   553 C CA  . ARG A 1 70 ? -4.939  -10.861 -2.184  1.00 19.58 ? 70  ARG A CA  1 
ATOM   554 C C   . ARG A 1 70 ? -3.759  -10.267 -2.954  1.00 19.43 ? 70  ARG A C   1 
ATOM   555 O O   . ARG A 1 70 ? -3.342  -10.792 -3.984  1.00 20.47 ? 70  ARG A O   1 
ATOM   556 C CB  . ARG A 1 70 ? -6.205  -10.045 -2.506  1.00 18.47 ? 70  ARG A CB  1 
ATOM   557 C CG  . ARG A 1 70 ? -6.428  -9.848  -4.011  1.00 20.61 ? 70  ARG A CG  1 
ATOM   558 C CD  . ARG A 1 70 ? -7.797  -9.259  -4.346  1.00 22.62 ? 70  ARG A CD  1 
ATOM   559 N NE  . ARG A 1 70 ? -7.945  -7.863  -3.928  1.00 22.55 ? 70  ARG A NE  1 
ATOM   560 C CZ  . ARG A 1 70 ? -7.465  -6.814  -4.593  1.00 22.70 ? 70  ARG A CZ  1 
ATOM   561 N NH1 . ARG A 1 70 ? -6.793  -6.980  -5.727  1.00 18.48 ? 70  ARG A NH1 1 
ATOM   562 N NH2 . ARG A 1 70 ? -7.666  -5.592  -4.118  1.00 20.56 ? 70  ARG A NH2 1 
ATOM   563 N N   . LEU A 1 71 ? -3.223  -9.164  -2.445  1.00 19.21 ? 71  LEU A N   1 
ATOM   564 C CA  . LEU A 1 71 ? -2.108  -8.492  -3.104  1.00 18.75 ? 71  LEU A CA  1 
ATOM   565 C C   . LEU A 1 71 ? -0.767  -9.190  -2.934  1.00 19.46 ? 71  LEU A C   1 
ATOM   566 O O   . LEU A 1 71 ? 0.095   -9.105  -3.810  1.00 19.98 ? 71  LEU A O   1 
ATOM   567 C CB  . LEU A 1 71 ? -1.997  -7.050  -2.600  1.00 19.22 ? 71  LEU A CB  1 
ATOM   568 C CG  . LEU A 1 71 ? -3.215  -6.156  -2.854  1.00 19.51 ? 71  LEU A CG  1 
ATOM   569 C CD1 . LEU A 1 71 ? -2.962  -4.791  -2.227  1.00 19.76 ? 71  LEU A CD1 1 
ATOM   570 C CD2 . LEU A 1 71 ? -3.472  -6.017  -4.341  1.00 17.22 ? 71  LEU A CD2 1 
ATOM   571 N N   . GLY A 1 72 ? -0.586  -9.880  -1.814  1.00 19.97 ? 72  GLY A N   1 
ATOM   572 C CA  . GLY A 1 72 ? 0.673   -10.562 -1.571  1.00 20.29 ? 72  GLY A CA  1 
ATOM   573 C C   . GLY A 1 72 ? 1.852   -9.602  -1.625  1.00 20.95 ? 72  GLY A C   1 
ATOM   574 O O   . GLY A 1 72 ? 1.763   -8.472  -1.147  1.00 21.60 ? 72  GLY A O   1 
ATOM   575 N N   . LYS A 1 73 ? 2.950   -10.043 -2.233  1.00 21.00 ? 73  LYS A N   1 
ATOM   576 C CA  . LYS A 1 73 ? 4.165   -9.240  -2.328  1.00 21.22 ? 73  LYS A CA  1 
ATOM   577 C C   . LYS A 1 73 ? 4.092   -7.994  -3.211  1.00 19.66 ? 73  LYS A C   1 
ATOM   578 O O   . LYS A 1 73 ? 5.043   -7.216  -3.259  1.00 19.56 ? 73  LYS A O   1 
ATOM   579 C CB  . LYS A 1 73 ? 5.327   -10.130 -2.783  1.00 23.97 ? 73  LYS A CB  1 
ATOM   580 C CG  . LYS A 1 73 ? 5.711   -11.179 -1.745  1.00 28.52 ? 73  LYS A CG  1 
ATOM   581 C CD  . LYS A 1 73 ? 6.866   -12.053 -2.205  1.00 30.81 ? 73  LYS A CD  1 
ATOM   582 C CE  . LYS A 1 73 ? 7.243   -13.062 -1.122  1.00 32.76 ? 73  LYS A CE  1 
ATOM   583 N NZ  . LYS A 1 73 ? 8.365   -13.944 -1.546  1.00 35.63 ? 73  LYS A NZ  1 
ATOM   584 N N   . SER A 1 74 ? 2.977   -7.799  -3.906  1.00 18.50 ? 74  SER A N   1 
ATOM   585 C CA  . SER A 1 74 ? 2.829   -6.623  -4.757  1.00 17.94 ? 74  SER A CA  1 
ATOM   586 C C   . SER A 1 74 ? 2.281   -5.435  -3.970  1.00 18.36 ? 74  SER A C   1 
ATOM   587 O O   . SER A 1 74 ? 2.245   -4.318  -4.477  1.00 18.48 ? 74  SER A O   1 
ATOM   588 C CB  . SER A 1 74 ? 1.889   -6.917  -5.932  1.00 18.43 ? 74  SER A CB  1 
ATOM   589 O OG  . SER A 1 74 ? 0.557   -7.141  -5.489  1.00 19.55 ? 74  SER A OG  1 
ATOM   590 N N   . ALA A 1 75 ? 1.875   -5.667  -2.724  1.00 18.12 ? 75  ALA A N   1 
ATOM   591 C CA  . ALA A 1 75 ? 1.282   -4.604  -1.915  1.00 17.82 ? 75  ALA A CA  1 
ATOM   592 C C   . ALA A 1 75 ? 2.113   -3.342  -1.751  1.00 16.31 ? 75  ALA A C   1 
ATOM   593 O O   . ALA A 1 75 ? 1.616   -2.251  -1.978  1.00 18.04 ? 75  ALA A O   1 
ATOM   594 C CB  . ALA A 1 75 ? 0.887   -5.147  -0.537  1.00 17.99 ? 75  ALA A CB  1 
ATOM   595 N N   . ASN A 1 76 ? 3.373   -3.484  -1.354  1.00 17.88 ? 76  ASN A N   1 
ATOM   596 C CA  . ASN A 1 76 ? 4.218   -2.318  -1.145  1.00 17.84 ? 76  ASN A CA  1 
ATOM   597 C C   . ASN A 1 76 ? 4.365   -1.459  -2.389  1.00 17.94 ? 76  ASN A C   1 
ATOM   598 O O   . ASN A 1 76 ? 4.185   -0.244  -2.330  1.00 18.11 ? 76  ASN A O   1 
ATOM   599 C CB  . ASN A 1 76 ? 5.599   -2.739  -0.643  1.00 18.97 ? 76  ASN A CB  1 
ATOM   600 C CG  . ASN A 1 76 ? 6.352   -1.589  -0.015  1.00 21.49 ? 76  ASN A CG  1 
ATOM   601 O OD1 . ASN A 1 76 ? 7.183   -0.938  -0.655  1.00 22.70 ? 76  ASN A OD1 1 
ATOM   602 N ND2 . ASN A 1 76 ? 6.050   -1.319  1.241   1.00 21.94 ? 76  ASN A ND2 1 
ATOM   603 N N   . LEU A 1 77 ? 4.683   -2.081  -3.520  1.00 18.74 ? 77  LEU A N   1 
ATOM   604 C CA  . LEU A 1 77 ? 4.833   -1.318  -4.754  1.00 18.84 ? 77  LEU A CA  1 
ATOM   605 C C   . LEU A 1 77 ? 3.508   -0.672  -5.164  1.00 18.28 ? 77  LEU A C   1 
ATOM   606 O O   . LEU A 1 77 ? 3.472   0.499   -5.543  1.00 17.16 ? 77  LEU A O   1 
ATOM   607 C CB  . LEU A 1 77 ? 5.357   -2.212  -5.885  1.00 19.94 ? 77  LEU A CB  1 
ATOM   608 C CG  . LEU A 1 77 ? 5.645   -1.503  -7.218  1.00 23.42 ? 77  LEU A CG  1 
ATOM   609 C CD1 . LEU A 1 77 ? 6.611   -0.338  -6.992  1.00 22.63 ? 77  LEU A CD1 1 
ATOM   610 C CD2 . LEU A 1 77 ? 6.240   -2.497  -8.213  1.00 22.68 ? 77  LEU A CD2 1 
ATOM   611 N N   . LEU A 1 78 ? 2.415   -1.424  -5.073  1.00 17.47 ? 78  LEU A N   1 
ATOM   612 C CA  . LEU A 1 78 ? 1.113   -0.881  -5.448  1.00 17.73 ? 78  LEU A CA  1 
ATOM   613 C C   . LEU A 1 78 ? 0.700   0.295   -4.565  1.00 17.36 ? 78  LEU A C   1 
ATOM   614 O O   . LEU A 1 78 ? 0.058   1.236   -5.038  1.00 17.08 ? 78  LEU A O   1 
ATOM   615 C CB  . LEU A 1 78 ? 0.046   -1.980  -5.411  1.00 19.11 ? 78  LEU A CB  1 
ATOM   616 C CG  . LEU A 1 78 ? 0.138   -2.970  -6.581  1.00 20.04 ? 78  LEU A CG  1 
ATOM   617 C CD1 . LEU A 1 78 ? -0.908  -4.059  -6.446  1.00 22.04 ? 78  LEU A CD1 1 
ATOM   618 C CD2 . LEU A 1 78 ? -0.067  -2.208  -7.886  1.00 21.21 ? 78  LEU A CD2 1 
ATOM   619 N N   . LEU A 1 79 ? 1.061   0.242   -3.286  1.00 18.05 ? 79  LEU A N   1 
ATOM   620 C CA  . LEU A 1 79 ? 0.734   1.338   -2.379  1.00 18.20 ? 79  LEU A CA  1 
ATOM   621 C C   . LEU A 1 79 ? 1.504   2.570   -2.828  1.00 17.40 ? 79  LEU A C   1 
ATOM   622 O O   . LEU A 1 79 ? 0.976   3.676   -2.827  1.00 16.96 ? 79  LEU A O   1 
ATOM   623 C CB  . LEU A 1 79 ? 1.109   0.982   -0.941  1.00 20.56 ? 79  LEU A CB  1 
ATOM   624 C CG  . LEU A 1 79 ? 0.202   -0.048  -0.274  1.00 24.39 ? 79  LEU A CG  1 
ATOM   625 C CD1 . LEU A 1 79 ? 0.796   -0.465  1.050   1.00 25.84 ? 79  LEU A CD1 1 
ATOM   626 C CD2 . LEU A 1 79 ? -1.195  0.550   -0.083  1.00 23.52 ? 79  LEU A CD2 1 
ATOM   627 N N   . ASN A 1 80 ? 2.759   2.374   -3.214  1.00 18.15 ? 80  ASN A N   1 
ATOM   628 C CA  . ASN A 1 80 ? 3.574   3.485   -3.692  1.00 18.98 ? 80  ASN A CA  1 
ATOM   629 C C   . ASN A 1 80 ? 3.010   4.008   -5.003  1.00 18.28 ? 80  ASN A C   1 
ATOM   630 O O   . ASN A 1 80 ? 3.066   5.205   -5.274  1.00 19.46 ? 80  ASN A O   1 
ATOM   631 C CB  . ASN A 1 80 ? 5.029   3.044   -3.853  1.00 19.41 ? 80  ASN A CB  1 
ATOM   632 C CG  . ASN A 1 80 ? 5.793   3.117   -2.554  1.00 20.20 ? 80  ASN A CG  1 
ATOM   633 O OD1 . ASN A 1 80 ? 6.159   4.199   -2.105  1.00 20.90 ? 80  ASN A OD1 1 
ATOM   634 N ND2 . ASN A 1 80 ? 6.022   1.968   -1.931  1.00 23.11 ? 80  ASN A ND2 1 
ATOM   635 N N   . CYS A 1 81 ? 2.460   3.116   -5.821  1.00 17.74 ? 81  CYS A N   1 
ATOM   636 C CA  . CYS A 1 81 ? 1.848   3.540   -7.077  1.00 18.91 ? 81  CYS A CA  1 
ATOM   637 C C   . CYS A 1 81 ? 0.621   4.423   -6.782  1.00 19.65 ? 81  CYS A C   1 
ATOM   638 O O   . CYS A 1 81 ? 0.397   5.429   -7.451  1.00 18.74 ? 81  CYS A O   1 
ATOM   639 C CB  . CYS A 1 81 ? 1.440   2.321   -7.916  1.00 17.79 ? 81  CYS A CB  1 
ATOM   640 S SG  . CYS A 1 81 ? 2.819   1.463   -8.730  1.00 18.88 ? 81  CYS A SG  1 
ATOM   641 N N   . GLU A 1 82 ? -0.170  4.055   -5.774  1.00 20.18 ? 82  GLU A N   1 
ATOM   642 C CA  . GLU A 1 82 ? -1.347  4.853   -5.408  1.00 23.05 ? 82  GLU A CA  1 
ATOM   643 C C   . GLU A 1 82 ? -0.925  6.220   -4.891  1.00 23.51 ? 82  GLU A C   1 
ATOM   644 O O   . GLU A 1 82 ? -1.593  7.231   -5.136  1.00 23.43 ? 82  GLU A O   1 
ATOM   645 C CB  . GLU A 1 82 ? -2.172  4.170   -4.314  1.00 23.31 ? 82  GLU A CB  1 
ATOM   646 C CG  . GLU A 1 82 ? -3.174  3.160   -4.818  1.00 26.53 ? 82  GLU A CG  1 
ATOM   647 C CD  . GLU A 1 82 ? -4.014  3.684   -5.968  1.00 25.83 ? 82  GLU A CD  1 
ATOM   648 O OE1 . GLU A 1 82 ? -4.763  4.670   -5.791  1.00 26.96 ? 82  GLU A OE1 1 
ATOM   649 O OE2 . GLU A 1 82 ? -3.920  3.099   -7.060  1.00 24.69 ? 82  GLU A OE2 1 
ATOM   650 N N   . LEU A 1 83 ? 0.181   6.239   -4.158  1.00 23.43 ? 83  LEU A N   1 
ATOM   651 C CA  . LEU A 1 83 ? 0.699   7.472   -3.596  1.00 24.23 ? 83  LEU A CA  1 
ATOM   652 C C   . LEU A 1 83 ? 1.098   8.410   -4.732  1.00 24.81 ? 83  LEU A C   1 
ATOM   653 O O   . LEU A 1 83 ? 0.883   9.622   -4.652  1.00 23.15 ? 83  LEU A O   1 
ATOM   654 C CB  . LEU A 1 83 ? 1.894   7.166   -2.686  1.00 24.76 ? 83  LEU A CB  1 
ATOM   655 C CG  . LEU A 1 83 ? 2.414   8.310   -1.812  1.00 24.15 ? 83  LEU A CG  1 
ATOM   656 C CD1 . LEU A 1 83 ? 1.256   8.943   -1.043  1.00 24.34 ? 83  LEU A CD1 1 
ATOM   657 C CD2 . LEU A 1 83 ? 3.468   7.773   -0.858  1.00 24.91 ? 83  LEU A CD2 1 
ATOM   658 N N   . VAL A 1 84 ? 1.678   7.845   -5.791  1.00 24.28 ? 84  VAL A N   1 
ATOM   659 C CA  . VAL A 1 84 ? 2.070   8.630   -6.958  1.00 24.27 ? 84  VAL A CA  1 
ATOM   660 C C   . VAL A 1 84 ? 0.819   9.194   -7.624  1.00 25.88 ? 84  VAL A C   1 
ATOM   661 O O   . VAL A 1 84 ? 0.789   10.348  -8.055  1.00 25.38 ? 84  VAL A O   1 
ATOM   662 C CB  . VAL A 1 84 ? 2.823   7.767   -8.008  1.00 24.97 ? 84  VAL A CB  1 
ATOM   663 C CG1 . VAL A 1 84 ? 2.987   8.550   -9.309  1.00 23.04 ? 84  VAL A CG1 1 
ATOM   664 C CG2 . VAL A 1 84 ? 4.185   7.352   -7.469  1.00 23.04 ? 84  VAL A CG2 1 
ATOM   665 N N   . LYS A 1 85 ? -0.216  8.368   -7.710  1.00 26.81 ? 85  LYS A N   1 
ATOM   666 C CA  . LYS A 1 85 ? -1.471  8.779   -8.321  1.00 28.44 ? 85  LYS A CA  1 
ATOM   667 C C   . LYS A 1 85 ? -2.165  9.833   -7.462  1.00 30.56 ? 85  LYS A C   1 
ATOM   668 O O   . LYS A 1 85 ? -2.729  10.794  -7.985  1.00 31.50 ? 85  LYS A O   1 
ATOM   669 C CB  . LYS A 1 85 ? -2.376  7.559   -8.516  1.00 28.35 ? 85  LYS A CB  1 
ATOM   670 C CG  . LYS A 1 85 ? -1.844  6.572   -9.560  1.00 28.20 ? 85  LYS A CG  1 
ATOM   671 C CD  . LYS A 1 85 ? -2.475  5.184   -9.428  1.00 27.47 ? 85  LYS A CD  1 
ATOM   672 C CE  . LYS A 1 85 ? -3.984  5.208   -9.622  1.00 28.97 ? 85  LYS A CE  1 
ATOM   673 N NZ  . LYS A 1 85 ? -4.569  3.845   -9.436  1.00 24.09 ? 85  LYS A NZ  1 
ATOM   674 N N   . LEU A 1 86 ? -2.117  9.646   -6.145  1.00 31.63 ? 86  LEU A N   1 
ATOM   675 C CA  . LEU A 1 86 ? -2.724  10.591  -5.214  1.00 34.31 ? 86  LEU A CA  1 
ATOM   676 C C   . LEU A 1 86 ? -2.067  11.955  -5.413  1.00 36.29 ? 86  LEU A C   1 
ATOM   677 O O   . LEU A 1 86 ? -2.749  12.950  -5.648  1.00 35.69 ? 86  LEU A O   1 
ATOM   678 C CB  . LEU A 1 86 ? -2.521  10.117  -3.770  1.00 33.14 ? 86  LEU A CB  1 
ATOM   679 C CG  . LEU A 1 86 ? -3.089  11.017  -2.671  1.00 32.73 ? 86  LEU A CG  1 
ATOM   680 C CD1 . LEU A 1 86 ? -4.593  11.143  -2.847  1.00 32.25 ? 86  LEU A CD1 1 
ATOM   681 C CD2 . LEU A 1 86 ? -2.755  10.442  -1.307  1.00 32.28 ? 86  LEU A CD2 1 
ATOM   682 N N   . ASP A 1 87 ? -0.741  11.992  -5.322  1.00 39.79 ? 87  ASP A N   1 
ATOM   683 C CA  . ASP A 1 87 ? 0.009   13.231  -5.516  1.00 43.00 ? 87  ASP A CA  1 
ATOM   684 C C   . ASP A 1 87 ? -0.254  13.778  -6.914  1.00 44.85 ? 87  ASP A C   1 
ATOM   685 O O   . ASP A 1 87 ? 0.616   13.592  -7.791  1.00 45.57 ? 87  ASP A O   1 
ATOM   686 C CB  . ASP A 1 87 ? 1.513   12.996  -5.347  1.00 44.24 ? 87  ASP A CB  1 
ATOM   687 C CG  . ASP A 1 87 ? 1.882   12.543  -3.950  1.00 45.65 ? 87  ASP A CG  1 
ATOM   688 O OD1 . ASP A 1 87 ? 1.120   12.835  -3.004  1.00 47.33 ? 87  ASP A OD1 1 
ATOM   689 O OD2 . ASP A 1 87 ? 2.948   11.909  -3.793  1.00 47.21 ? 87  ASP A OD2 1 
HETATM 690 P P   . PO4 B 2 .  ? 8.978   -2.215  -3.355  1.00 39.76 ? 101 PO4 A P   1 
HETATM 691 O O1  . PO4 B 2 .  ? 9.868   -1.853  -2.223  1.00 44.20 ? 101 PO4 A O1  1 
HETATM 692 O O2  . PO4 B 2 .  ? 7.918   -1.196  -3.494  1.00 35.54 ? 101 PO4 A O2  1 
HETATM 693 O O3  . PO4 B 2 .  ? 9.775   -2.275  -4.609  1.00 44.38 ? 101 PO4 A O3  1 
HETATM 694 O O4  . PO4 B 2 .  ? 8.364   -3.542  -3.095  1.00 43.36 ? 101 PO4 A O4  1 
HETATM 695 O O   . HOH C 3 .  ? 5.792   -4.798  -3.759  1.00 20.99 ? 102 HOH A O   1 
HETATM 696 O O   . HOH C 3 .  ? -2.010  1.380   -7.715  1.00 24.49 ? 103 HOH A O   1 
HETATM 697 O O   . HOH C 3 .  ? -2.828  1.933   -10.586 1.00 28.87 ? 104 HOH A O   1 
HETATM 698 O O   . HOH C 3 .  ? -12.460 0.263   -1.175  1.00 27.59 ? 105 HOH A O   1 
HETATM 699 O O   . HOH C 3 .  ? -7.385  0.347   -12.706 1.00 24.54 ? 106 HOH A O   1 
HETATM 700 O O   . HOH C 3 .  ? -9.825  -8.167  13.623  1.00 26.85 ? 107 HOH A O   1 
HETATM 701 O O   . HOH C 3 .  ? -13.825 -2.039  -8.922  1.00 26.22 ? 108 HOH A O   1 
HETATM 702 O O   . HOH C 3 .  ? 4.501   -6.010  -0.325  1.00 23.15 ? 109 HOH A O   1 
HETATM 703 O O   . HOH C 3 .  ? -4.172  -8.430  11.462  1.00 30.42 ? 110 HOH A O   1 
HETATM 704 O O   . HOH C 3 .  ? -3.752  3.498   12.421  1.00 37.25 ? 111 HOH A O   1 
HETATM 705 O O   . HOH C 3 .  ? -4.641  7.221   -5.175  1.00 29.16 ? 112 HOH A O   1 
HETATM 706 O O   . HOH C 3 .  ? -3.306  8.916   11.090  1.00 28.13 ? 113 HOH A O   1 
HETATM 707 O O   . HOH C 3 .  ? 10.586  8.566   -8.954  1.00 35.10 ? 114 HOH A O   1 
HETATM 708 O O   . HOH C 3 .  ? -9.066  2.941   -6.935  1.00 29.75 ? 115 HOH A O   1 
HETATM 709 O O   . HOH C 3 .  ? -11.474 -6.742  12.336  1.00 27.29 ? 116 HOH A O   1 
HETATM 710 O O   . HOH C 3 .  ? -7.389  -8.118  12.597  1.00 28.48 ? 117 HOH A O   1 
HETATM 711 O O   . HOH C 3 .  ? 0.920   4.557   10.645  1.00 33.75 ? 118 HOH A O   1 
HETATM 712 O O   . HOH C 3 .  ? -7.137  4.593   -7.585  1.00 31.85 ? 119 HOH A O   1 
HETATM 713 O O   . HOH C 3 .  ? 3.604   10.686  9.269   1.00 30.66 ? 120 HOH A O   1 
HETATM 714 O O   . HOH C 3 .  ? -3.517  -9.873  -6.708  1.00 29.39 ? 121 HOH A O   1 
HETATM 715 O O   . HOH C 3 .  ? 8.781   4.185   11.172  1.00 32.55 ? 122 HOH A O   1 
HETATM 716 O O   . HOH C 3 .  ? -8.391  6.492   6.190   1.00 36.83 ? 123 HOH A O   1 
HETATM 717 O O   . HOH C 3 .  ? -11.439 -10.306 17.919  1.00 37.60 ? 124 HOH A O   1 
HETATM 718 O O   . HOH C 3 .  ? -0.663  -13.551 -0.060  1.00 37.87 ? 125 HOH A O   1 
HETATM 719 O O   . HOH C 3 .  ? 13.534  2.528   -2.615  1.00 32.31 ? 126 HOH A O   1 
HETATM 720 O O   . HOH C 3 .  ? 11.691  9.532   -1.227  1.00 43.57 ? 127 HOH A O   1 
HETATM 721 O O   . HOH C 3 .  ? 4.106   -6.293  6.515   1.00 34.78 ? 128 HOH A O   1 
HETATM 722 O O   . HOH C 3 .  ? 2.064   5.984   -19.561 1.00 40.29 ? 129 HOH A O   1 
HETATM 723 O O   . HOH C 3 .  ? 0.585   -8.065  1.245   1.00 31.09 ? 130 HOH A O   1 
HETATM 724 O O   . HOH C 3 .  ? -0.535  8.012   11.963  1.00 36.79 ? 131 HOH A O   1 
HETATM 725 O O   . HOH C 3 .  ? -2.011  3.742   -12.936 1.00 34.16 ? 132 HOH A O   1 
HETATM 726 O O   . HOH C 3 .  ? -10.819 -18.174 9.984   1.00 46.53 ? 133 HOH A O   1 
HETATM 727 O O   . HOH C 3 .  ? -0.462  12.784  -1.098  1.00 42.50 ? 134 HOH A O   1 
HETATM 728 O O   . HOH C 3 .  ? -11.743 3.714   -5.309  1.00 37.43 ? 135 HOH A O   1 
HETATM 729 O O   . HOH C 3 .  ? -11.521 -2.152  7.517   1.00 31.71 ? 136 HOH A O   1 
HETATM 730 O O   . HOH C 3 .  ? -10.515 0.232   8.065   1.00 31.32 ? 137 HOH A O   1 
HETATM 731 O O   . HOH C 3 .  ? 4.884   -6.176  10.145  1.00 36.97 ? 138 HOH A O   1 
HETATM 732 O O   . HOH C 3 .  ? -5.997  -9.294  -7.312  1.00 31.88 ? 139 HOH A O   1 
HETATM 733 O O   . HOH C 3 .  ? -6.131  -4.473  -6.760  1.00 33.28 ? 140 HOH A O   1 
HETATM 734 O O   . HOH C 3 .  ? 2.639   -7.920  14.262  1.00 37.40 ? 141 HOH A O   1 
HETATM 735 O O   . HOH C 3 .  ? -3.267  -17.335 8.258   1.00 45.30 ? 142 HOH A O   1 
HETATM 736 O O   . HOH C 3 .  ? 2.084   8.672   -14.083 1.00 37.84 ? 143 HOH A O   1 
HETATM 737 O O   . HOH C 3 .  ? -6.840  -3.898  -16.556 1.00 42.68 ? 144 HOH A O   1 
HETATM 738 O O   . HOH C 3 .  ? 13.792  6.746   -15.734 1.00 46.62 ? 145 HOH A O   1 
HETATM 739 O O   . HOH C 3 .  ? 16.251  7.690   -10.768 1.00 41.04 ? 146 HOH A O   1 
HETATM 740 O O   . HOH C 3 .  ? -4.091  2.449   -16.126 1.00 40.90 ? 147 HOH A O   1 
HETATM 741 O O   . HOH C 3 .  ? 0.542   -16.159 14.805  1.00 45.20 ? 148 HOH A O   1 
HETATM 742 O O   . HOH C 3 .  ? -9.933  4.735   -0.065  1.00 33.15 ? 149 HOH A O   1 
HETATM 743 O O   . HOH C 3 .  ? -6.195  -12.891 17.375  1.00 39.80 ? 150 HOH A O   1 
HETATM 744 O O   . HOH C 3 .  ? 9.140   7.530   9.461   1.00 40.46 ? 151 HOH A O   1 
HETATM 745 O O   . HOH C 3 .  ? 5.579   -4.396  2.600   1.00 43.34 ? 152 HOH A O   1 
HETATM 746 O O   . HOH C 3 .  ? 8.121   13.689  8.176   1.00 41.68 ? 153 HOH A O   1 
HETATM 747 O O   . HOH C 3 .  ? 4.908   12.617  -5.560  1.00 41.67 ? 154 HOH A O   1 
HETATM 748 O O   . HOH C 3 .  ? 11.364  -1.971  -0.151  1.00 45.61 ? 155 HOH A O   1 
HETATM 749 O O   . HOH C 3 .  ? 8.112   -6.337  -0.945  1.00 43.64 ? 156 HOH A O   1 
HETATM 750 O O   . HOH C 3 .  ? 3.380   -6.031  2.673   1.00 48.53 ? 157 HOH A O   1 
HETATM 751 O O   . HOH C 3 .  ? 7.662   10.811  -7.839  1.00 47.85 ? 158 HOH A O   1 
HETATM 752 O O   . HOH C 3 .  ? -3.327  -11.835 -8.254  1.00 39.82 ? 159 HOH A O   1 
HETATM 753 O O   . HOH C 3 .  ? -1.544  -7.579  -6.910  1.00 31.11 ? 160 HOH A O   1 
HETATM 754 O O   . HOH C 3 .  ? 0.100   -11.872 3.567   1.00 46.75 ? 161 HOH A O   1 
HETATM 755 O O   . HOH C 3 .  ? 15.439  2.827   -0.919  1.00 44.50 ? 162 HOH A O   1 
HETATM 756 O O   . HOH C 3 .  ? 2.961   -9.079  11.522  1.00 41.64 ? 163 HOH A O   1 
HETATM 757 O O   . HOH C 3 .  ? -7.346  -12.134 -7.535  1.00 45.11 ? 164 HOH A O   1 
HETATM 758 O O   . HOH C 3 .  ? 1.213   -12.864 8.771   1.00 43.23 ? 165 HOH A O   1 
HETATM 759 O O   . HOH C 3 .  ? -15.339 -19.513 -7.222  1.00 45.71 ? 166 HOH A O   1 
HETATM 760 O O   . HOH C 3 .  ? 11.284  8.414   -11.924 1.00 39.24 ? 167 HOH A O   1 
HETATM 761 O O   . HOH C 3 .  ? -5.465  4.924   10.996  1.00 37.70 ? 168 HOH A O   1 
HETATM 762 O O   . HOH C 3 .  ? -12.723 -20.936 10.964  1.00 41.63 ? 169 HOH A O   1 
# 
